data_3G79
#
_entry.id   3G79
#
_cell.length_a   78.830
_cell.length_b   88.723
_cell.length_c   151.600
_cell.angle_alpha   90.000
_cell.angle_beta   90.000
_cell.angle_gamma   90.000
#
_symmetry.space_group_name_H-M   'P 21 21 21'
#
loop_
_entity.id
_entity.type
_entity.pdbx_description
1 polymer 'NDP-N-acetyl-D-galactosaminuronic acid dehydrogenase'
2 water water
#
_entity_poly.entity_id   1
_entity_poly.type   'polypeptide(L)'
_entity_poly.pdbx_seq_one_letter_code
;MSLSMSKLEKLLKERGPIKKIGVLGMGYVGIPAAVLFADAPCFEKVLGFQRNSKSSGYKIEMLNRGESPLKGEEPGLEEL
IGKVVKAGKFECTPDFSRISELDAVTLAIQTPFANPKDLEPDFSALIDGIRNVGKYLKPGMLVVLESTITPGTTEGMAKQ
ILEEESGLKAGEDFALAHAPERVMVGRLLKNIREHDRIVGGIDEASTKRAVELYSPVLTVGQVIPMSATAAEVTKTAENT
FRDLQIAAINQLALYCEAMGINVYDVRTGVDSLKGEGITRAVLWPGAGVGGHCLTKDTYHLERGVKIGRGELDYPEGADS
IYVLARKVNDFMPAHMYNLTVAALERLGKKMDGSKVAMLGWAFIKDSDDARNTPSEPYRDLCLKAGASVMVHDPYVVNYP
GVEISDNLEEVVRNADAIVVLAGHSAYSSLKADWAKKVSAKANPVIIDGRNVIEPDEFIGKGFVYKGIGREGHHHHHH
;
_entity_poly.pdbx_strand_id   A,B
#
# COMPACT_ATOMS: atom_id res chain seq x y z
N SER A 4 21.91 27.49 -29.78
CA SER A 4 21.66 26.16 -29.14
C SER A 4 20.20 25.90 -28.72
N MET A 5 19.34 26.92 -28.88
CA MET A 5 17.88 26.76 -28.70
C MET A 5 17.27 25.88 -29.76
N SER A 6 16.30 25.06 -29.37
CA SER A 6 15.59 24.25 -30.36
C SER A 6 14.64 25.12 -31.17
N LYS A 7 14.22 24.61 -32.31
CA LYS A 7 13.19 25.25 -33.12
C LYS A 7 11.95 25.63 -32.30
N LEU A 8 11.34 24.68 -31.60
CA LEU A 8 10.16 24.95 -30.77
C LEU A 8 10.39 26.03 -29.69
N GLU A 9 11.48 25.89 -28.95
CA GLU A 9 11.91 26.85 -27.94
C GLU A 9 11.92 28.29 -28.48
N LYS A 10 12.41 28.44 -29.72
CA LYS A 10 12.53 29.75 -30.41
C LYS A 10 11.14 30.34 -30.72
N LEU A 11 10.31 29.53 -31.37
CA LEU A 11 8.94 29.88 -31.67
C LEU A 11 8.24 30.30 -30.42
N LEU A 12 8.44 29.53 -29.36
CA LEU A 12 7.85 29.84 -28.08
C LEU A 12 8.38 31.15 -27.50
N LYS A 13 9.69 31.38 -27.50
CA LYS A 13 10.19 32.64 -26.91
C LYS A 13 9.70 33.80 -27.77
N GLU A 14 9.68 33.60 -29.09
CA GLU A 14 9.18 34.57 -30.04
C GLU A 14 7.65 34.87 -29.94
N ARG A 15 6.84 33.89 -29.52
CA ARG A 15 5.37 34.07 -29.33
C ARG A 15 5.14 34.84 -28.03
N GLY A 16 6.08 34.71 -27.10
CA GLY A 16 5.97 35.39 -25.82
C GLY A 16 5.07 34.65 -24.84
N PRO A 17 4.81 35.25 -23.67
CA PRO A 17 3.93 34.63 -22.69
C PRO A 17 2.50 34.37 -23.21
N ILE A 18 1.87 33.30 -22.70
CA ILE A 18 0.52 32.89 -23.07
C ILE A 18 -0.42 34.00 -22.71
N LYS A 19 -1.24 34.41 -23.66
CA LYS A 19 -2.19 35.49 -23.42
C LYS A 19 -3.58 35.13 -23.89
N LYS A 20 -3.69 34.33 -24.94
CA LYS A 20 -5.00 33.96 -25.45
C LYS A 20 -5.10 32.45 -25.40
N ILE A 21 -6.15 31.99 -24.77
CA ILE A 21 -6.34 30.58 -24.45
C ILE A 21 -7.67 30.13 -25.02
N GLY A 22 -7.79 28.89 -25.39
CA GLY A 22 -9.06 28.38 -25.91
C GLY A 22 -9.38 27.14 -25.14
N VAL A 23 -10.66 26.94 -24.82
CA VAL A 23 -11.08 25.63 -24.30
C VAL A 23 -12.14 25.00 -25.19
N LEU A 24 -11.91 23.74 -25.54
CA LEU A 24 -12.88 22.97 -26.30
C LEU A 24 -13.55 22.00 -25.35
N GLY A 25 -14.89 22.00 -25.35
CA GLY A 25 -15.63 21.09 -24.46
C GLY A 25 -16.34 21.86 -23.37
N MET A 26 -17.49 22.45 -23.74
CA MET A 26 -18.24 23.22 -22.78
C MET A 26 -19.11 22.32 -21.86
N GLY A 27 -18.42 21.48 -21.06
CA GLY A 27 -19.08 20.51 -20.18
C GLY A 27 -18.81 20.75 -18.69
N TYR A 28 -19.06 19.72 -17.87
CA TYR A 28 -18.91 19.94 -16.44
C TYR A 28 -17.51 20.45 -16.04
N VAL A 29 -16.45 20.00 -16.74
CA VAL A 29 -15.05 20.40 -16.49
C VAL A 29 -14.50 21.54 -17.35
N GLY A 30 -14.92 21.62 -18.59
CA GLY A 30 -14.33 22.61 -19.49
C GLY A 30 -14.86 24.00 -19.19
N ILE A 31 -16.08 24.11 -18.65
CA ILE A 31 -16.59 25.44 -18.31
C ILE A 31 -15.82 26.07 -17.12
N PRO A 32 -15.66 25.32 -15.99
CA PRO A 32 -14.87 25.90 -14.86
C PRO A 32 -13.46 26.24 -15.33
N ALA A 33 -12.80 25.26 -15.96
CA ALA A 33 -11.47 25.43 -16.51
C ALA A 33 -11.36 26.70 -17.30
N ALA A 34 -12.19 26.86 -18.34
CA ALA A 34 -12.08 27.99 -19.25
C ALA A 34 -12.25 29.24 -18.45
N VAL A 35 -13.07 29.13 -17.43
CA VAL A 35 -13.56 30.33 -16.79
C VAL A 35 -12.59 30.71 -15.67
N LEU A 36 -11.85 29.72 -15.17
CA LEU A 36 -10.77 29.96 -14.24
C LEU A 36 -9.60 30.65 -14.96
N PHE A 37 -9.25 30.14 -16.14
CA PHE A 37 -8.23 30.78 -16.98
C PHE A 37 -8.60 32.25 -17.22
N ALA A 38 -9.86 32.53 -17.57
CA ALA A 38 -10.23 33.88 -17.95
C ALA A 38 -10.19 34.85 -16.74
N ASP A 39 -10.38 34.33 -15.52
CA ASP A 39 -10.31 35.15 -14.31
C ASP A 39 -8.86 35.44 -13.89
N ALA A 40 -7.91 34.66 -14.38
CA ALA A 40 -6.54 34.87 -13.97
C ALA A 40 -6.08 36.16 -14.58
N PRO A 41 -5.72 37.17 -13.76
CA PRO A 41 -5.15 38.36 -14.37
C PRO A 41 -3.85 37.80 -14.90
N CYS A 42 -3.26 38.40 -15.91
CA CYS A 42 -2.15 37.70 -16.62
C CYS A 42 -2.63 37.01 -17.89
N PHE A 43 -3.81 36.43 -17.92
CA PHE A 43 -4.40 35.99 -19.21
C PHE A 43 -5.36 37.07 -19.72
N GLU A 44 -5.55 37.20 -21.03
CA GLU A 44 -6.34 38.33 -21.55
C GLU A 44 -7.76 37.93 -21.91
N LYS A 45 -7.90 36.79 -22.57
CA LYS A 45 -9.15 36.41 -23.20
C LYS A 45 -9.11 34.94 -23.51
N VAL A 46 -10.17 34.26 -23.08
CA VAL A 46 -10.37 32.85 -23.31
C VAL A 46 -11.56 32.66 -24.23
N LEU A 47 -11.44 31.74 -25.16
CA LEU A 47 -12.53 31.34 -26.01
C LEU A 47 -12.93 29.95 -25.59
N GLY A 48 -14.23 29.73 -25.45
CA GLY A 48 -14.79 28.41 -25.26
C GLY A 48 -15.51 27.99 -26.55
N PHE A 49 -15.25 26.76 -26.95
CA PHE A 49 -15.69 26.28 -28.23
C PHE A 49 -16.87 25.32 -28.10
N GLN A 50 -17.97 25.74 -28.72
CA GLN A 50 -19.23 24.96 -28.88
C GLN A 50 -19.89 25.01 -30.29
N ARG A 51 -20.16 23.85 -30.87
CA ARG A 51 -21.08 23.74 -32.02
C ARG A 51 -22.51 24.20 -31.65
N ASN A 52 -23.36 24.57 -32.61
CA ASN A 52 -24.81 24.41 -32.39
C ASN A 52 -25.23 22.95 -32.57
N SER A 53 -24.78 22.07 -31.67
CA SER A 53 -25.33 20.75 -31.55
C SER A 53 -26.71 21.08 -31.10
N LYS A 54 -27.71 21.12 -32.00
CA LYS A 54 -29.10 21.11 -31.52
C LYS A 54 -29.05 20.16 -30.33
N SER A 55 -29.41 20.66 -29.16
CA SER A 55 -29.15 19.94 -27.89
C SER A 55 -28.21 20.71 -26.97
N SER A 56 -27.19 21.34 -27.55
CA SER A 56 -26.16 22.08 -26.79
C SER A 56 -25.94 23.50 -27.33
N GLY A 57 -26.47 23.77 -28.53
CA GLY A 57 -26.38 25.09 -29.15
C GLY A 57 -26.61 26.24 -28.21
N TYR A 58 -27.63 26.12 -27.37
CA TYR A 58 -28.04 27.12 -26.36
C TYR A 58 -26.94 27.69 -25.42
N LYS A 59 -25.98 26.83 -25.05
CA LYS A 59 -24.88 27.16 -24.13
C LYS A 59 -24.10 28.38 -24.61
N ILE A 60 -24.01 28.52 -25.93
CA ILE A 60 -23.33 29.68 -26.51
C ILE A 60 -23.98 30.94 -25.92
N GLU A 61 -25.29 31.06 -26.07
CA GLU A 61 -25.97 32.27 -25.66
C GLU A 61 -26.12 32.35 -24.14
N MET A 62 -26.43 31.22 -23.51
CA MET A 62 -26.51 31.21 -22.05
C MET A 62 -25.19 31.74 -21.47
N LEU A 63 -24.09 31.04 -21.77
CA LEU A 63 -22.78 31.41 -21.27
C LEU A 63 -22.46 32.87 -21.54
N ASN A 64 -22.84 33.34 -22.73
CA ASN A 64 -22.52 34.73 -23.08
C ASN A 64 -23.39 35.78 -22.39
N ARG A 65 -24.37 35.31 -21.62
CA ARG A 65 -25.10 36.19 -20.71
C ARG A 65 -24.55 36.02 -19.30
N GLY A 66 -23.79 34.95 -19.09
CA GLY A 66 -23.09 34.69 -17.85
C GLY A 66 -23.62 33.56 -16.98
N GLU A 67 -24.09 32.46 -17.59
CA GLU A 67 -24.83 31.39 -16.88
C GLU A 67 -24.32 29.96 -17.20
N SER A 68 -24.67 28.94 -16.40
CA SER A 68 -24.11 27.56 -16.58
C SER A 68 -25.07 26.42 -17.10
N PRO A 69 -24.88 25.11 -16.69
CA PRO A 69 -25.86 24.08 -17.02
C PRO A 69 -26.62 23.52 -15.79
N LEU A 70 -26.74 22.19 -15.74
CA LEU A 70 -27.63 21.51 -14.79
C LEU A 70 -27.04 21.19 -13.39
N LYS A 71 -27.74 21.66 -12.36
CA LYS A 71 -27.63 21.13 -10.97
C LYS A 71 -26.96 21.97 -9.84
N GLY A 72 -26.61 23.23 -10.13
CA GLY A 72 -25.95 24.08 -9.13
C GLY A 72 -24.54 23.59 -8.79
N GLU A 73 -23.54 24.42 -9.01
CA GLU A 73 -22.17 23.98 -8.87
C GLU A 73 -21.36 24.96 -8.06
N GLU A 74 -20.58 24.44 -7.10
CA GLU A 74 -19.55 25.23 -6.42
C GLU A 74 -20.02 26.65 -6.42
N PRO A 75 -21.25 26.88 -5.92
CA PRO A 75 -22.02 28.11 -6.17
C PRO A 75 -21.15 29.36 -6.20
N GLY A 76 -20.09 29.23 -6.98
CA GLY A 76 -19.32 30.34 -7.52
C GLY A 76 -19.27 30.21 -9.04
N LEU A 77 -19.70 29.06 -9.56
CA LEU A 77 -19.56 28.83 -11.00
C LEU A 77 -20.27 29.90 -11.79
N GLU A 78 -21.59 30.02 -11.62
CA GLU A 78 -22.35 31.06 -12.31
C GLU A 78 -21.83 32.49 -12.04
N GLU A 79 -21.28 32.71 -10.84
CA GLU A 79 -20.76 34.05 -10.48
C GLU A 79 -19.40 34.29 -11.16
N LEU A 80 -18.61 33.23 -11.26
CA LEU A 80 -17.36 33.28 -11.98
C LEU A 80 -17.60 33.62 -13.47
N ILE A 81 -18.50 32.89 -14.13
CA ILE A 81 -18.91 33.16 -15.51
C ILE A 81 -19.37 34.61 -15.64
N GLY A 82 -20.21 35.05 -14.71
CA GLY A 82 -20.76 36.41 -14.77
C GLY A 82 -19.66 37.47 -14.76
N LYS A 83 -18.65 37.21 -13.95
CA LYS A 83 -17.59 38.16 -13.64
C LYS A 83 -16.71 38.28 -14.86
N VAL A 84 -16.27 37.12 -15.34
CA VAL A 84 -15.39 36.96 -16.47
C VAL A 84 -16.06 37.47 -17.79
N VAL A 85 -17.34 37.15 -17.98
CA VAL A 85 -18.09 37.64 -19.11
C VAL A 85 -18.23 39.17 -19.02
N LYS A 86 -18.56 39.66 -17.83
CA LYS A 86 -18.74 41.10 -17.65
C LYS A 86 -17.44 41.88 -17.94
N ALA A 87 -16.30 41.26 -17.61
CA ALA A 87 -14.99 41.86 -17.81
C ALA A 87 -14.48 41.64 -19.24
N GLY A 88 -15.33 41.06 -20.08
CA GLY A 88 -14.96 40.72 -21.44
C GLY A 88 -13.74 39.83 -21.60
N LYS A 89 -13.51 38.91 -20.67
CA LYS A 89 -12.36 37.98 -20.75
C LYS A 89 -12.75 36.55 -21.21
N PHE A 90 -14.04 36.35 -21.42
CA PHE A 90 -14.52 35.06 -21.84
C PHE A 90 -15.69 35.20 -22.81
N GLU A 91 -15.71 34.32 -23.80
CA GLU A 91 -16.72 34.31 -24.83
C GLU A 91 -16.82 32.89 -25.35
N CYS A 92 -18.05 32.44 -25.59
CA CYS A 92 -18.31 31.15 -26.20
C CYS A 92 -18.65 31.38 -27.68
N THR A 93 -18.00 30.61 -28.55
CA THR A 93 -18.19 30.72 -29.99
C THR A 93 -18.21 29.34 -30.66
N PRO A 94 -19.07 29.18 -31.70
CA PRO A 94 -19.24 28.00 -32.59
C PRO A 94 -18.16 27.96 -33.69
N ASP A 95 -17.34 29.01 -33.70
CA ASP A 95 -16.39 29.25 -34.76
C ASP A 95 -14.96 28.78 -34.40
N PHE A 96 -14.72 27.50 -34.71
CA PHE A 96 -13.47 26.82 -34.43
C PHE A 96 -12.22 27.38 -35.12
N SER A 97 -12.47 28.09 -36.23
CA SER A 97 -11.43 28.73 -37.02
C SER A 97 -10.62 29.68 -36.16
N ARG A 98 -11.27 30.28 -35.18
CA ARG A 98 -10.59 31.16 -34.22
C ARG A 98 -9.59 30.49 -33.26
N ILE A 99 -9.52 29.17 -33.29
CA ILE A 99 -8.41 28.47 -32.62
C ILE A 99 -7.13 29.10 -33.16
N SER A 100 -7.15 29.40 -34.45
CA SER A 100 -6.02 30.07 -35.06
C SER A 100 -5.47 31.27 -34.30
N GLU A 101 -6.31 32.00 -33.57
CA GLU A 101 -5.86 33.24 -32.95
C GLU A 101 -5.12 33.00 -31.61
N LEU A 102 -5.01 31.75 -31.16
CA LEU A 102 -4.62 31.49 -29.77
C LEU A 102 -3.18 31.14 -29.53
N ASP A 103 -2.74 31.42 -28.31
CA ASP A 103 -1.47 30.93 -27.75
C ASP A 103 -1.58 29.52 -27.23
N ALA A 104 -2.72 29.16 -26.65
CA ALA A 104 -2.90 27.77 -26.23
C ALA A 104 -4.34 27.32 -26.33
N VAL A 105 -4.53 26.04 -26.62
CA VAL A 105 -5.84 25.45 -26.64
C VAL A 105 -5.81 24.20 -25.81
N THR A 106 -6.87 24.03 -25.04
CA THR A 106 -7.11 22.90 -24.16
C THR A 106 -8.34 22.05 -24.64
N LEU A 107 -8.19 20.73 -24.64
CA LEU A 107 -9.28 19.78 -24.91
C LEU A 107 -9.75 19.15 -23.65
N ALA A 108 -10.92 19.59 -23.23
CA ALA A 108 -11.54 19.22 -21.98
C ALA A 108 -12.87 18.58 -22.29
N ILE A 109 -12.85 17.59 -23.15
CA ILE A 109 -14.09 17.10 -23.71
C ILE A 109 -14.47 15.86 -22.93
N GLN A 110 -15.71 15.82 -22.42
CA GLN A 110 -16.21 14.65 -21.72
C GLN A 110 -15.82 13.40 -22.51
N THR A 111 -15.22 12.44 -21.82
CA THR A 111 -14.83 11.20 -22.47
C THR A 111 -15.71 10.10 -21.90
N PRO A 112 -17.05 10.27 -22.04
CA PRO A 112 -17.87 9.55 -21.10
C PRO A 112 -17.74 8.04 -21.27
N PHE A 113 -18.06 7.57 -22.47
CA PHE A 113 -18.61 6.24 -22.61
C PHE A 113 -17.62 5.06 -22.39
N ALA A 114 -18.08 3.81 -22.53
CA ALA A 114 -19.51 3.42 -22.61
C ALA A 114 -20.11 3.48 -24.06
N ASN A 115 -21.44 3.44 -24.26
CA ASN A 115 -22.50 3.38 -23.24
C ASN A 115 -22.56 2.05 -22.50
N PRO A 116 -22.36 0.91 -23.19
CA PRO A 116 -22.51 -0.27 -22.36
C PRO A 116 -21.34 -0.50 -21.40
N LYS A 117 -20.44 0.47 -21.31
CA LYS A 117 -19.26 0.41 -20.41
C LYS A 117 -18.08 -0.39 -21.00
N ASP A 118 -16.88 -0.14 -20.45
CA ASP A 118 -15.62 -0.89 -20.73
C ASP A 118 -15.28 -1.06 -22.22
N LEU A 119 -14.06 -1.50 -22.55
CA LEU A 119 -12.89 -1.49 -21.66
C LEU A 119 -12.23 -0.14 -21.84
N GLU A 120 -12.44 0.44 -23.02
CA GLU A 120 -12.01 1.78 -23.36
C GLU A 120 -13.20 2.75 -23.38
N PRO A 121 -12.93 4.03 -23.07
CA PRO A 121 -13.92 5.10 -23.18
C PRO A 121 -14.34 5.36 -24.63
N ASP A 122 -15.48 6.03 -24.82
CA ASP A 122 -15.87 6.51 -26.17
C ASP A 122 -15.24 7.87 -26.37
N PHE A 123 -14.15 7.87 -27.12
CA PHE A 123 -13.39 9.05 -27.44
C PHE A 123 -13.88 9.89 -28.65
N SER A 124 -15.04 9.55 -29.22
CA SER A 124 -15.40 10.11 -30.53
C SER A 124 -15.50 11.64 -30.54
N ALA A 125 -16.24 12.20 -29.59
CA ALA A 125 -16.27 13.64 -29.42
C ALA A 125 -14.88 14.24 -29.14
N LEU A 126 -14.02 13.48 -28.44
CA LEU A 126 -12.68 13.96 -28.06
C LEU A 126 -11.88 14.04 -29.32
N ILE A 127 -11.94 12.97 -30.12
CA ILE A 127 -11.15 12.95 -31.32
C ILE A 127 -11.69 13.98 -32.30
N ASP A 128 -12.99 14.22 -32.29
CA ASP A 128 -13.52 15.28 -33.12
C ASP A 128 -12.90 16.62 -32.76
N GLY A 129 -12.73 16.87 -31.44
CA GLY A 129 -12.11 18.12 -30.98
C GLY A 129 -10.66 18.29 -31.40
N ILE A 130 -9.91 17.21 -31.34
CA ILE A 130 -8.50 17.20 -31.67
C ILE A 130 -8.39 17.55 -33.15
N ARG A 131 -9.15 16.85 -33.98
CA ARG A 131 -9.29 17.21 -35.40
C ARG A 131 -9.54 18.71 -35.54
N ASN A 132 -10.57 19.25 -34.91
CA ASN A 132 -10.79 20.68 -35.03
C ASN A 132 -9.57 21.51 -34.68
N VAL A 133 -8.96 21.18 -33.52
CA VAL A 133 -7.65 21.74 -33.18
C VAL A 133 -6.60 21.59 -34.31
N GLY A 134 -6.32 20.34 -34.71
CA GLY A 134 -5.35 20.11 -35.77
C GLY A 134 -5.65 21.00 -36.97
N LYS A 135 -6.93 21.08 -37.32
CA LYS A 135 -7.41 21.79 -38.48
C LYS A 135 -6.98 23.22 -38.49
N TYR A 136 -6.87 23.83 -37.29
CA TYR A 136 -6.60 25.28 -37.25
C TYR A 136 -5.26 25.61 -36.56
N LEU A 137 -4.55 24.55 -36.20
CA LEU A 137 -3.25 24.65 -35.53
C LEU A 137 -2.24 25.55 -36.27
N LYS A 138 -1.56 26.41 -35.51
CA LYS A 138 -0.53 27.31 -36.04
C LYS A 138 0.78 27.08 -35.29
N PRO A 139 1.92 27.42 -35.91
CA PRO A 139 3.24 27.27 -35.29
C PRO A 139 3.35 27.99 -33.96
N GLY A 140 3.96 27.34 -32.97
CA GLY A 140 4.12 27.95 -31.66
C GLY A 140 2.95 27.87 -30.69
N MET A 141 1.79 27.47 -31.19
CA MET A 141 0.67 27.20 -30.30
C MET A 141 0.98 26.06 -29.33
N LEU A 142 0.34 26.06 -28.17
CA LEU A 142 0.38 24.91 -27.26
C LEU A 142 -0.99 24.21 -27.19
N VAL A 143 -0.99 22.88 -27.34
CA VAL A 143 -2.19 22.08 -27.24
C VAL A 143 -2.09 21.23 -26.00
N VAL A 144 -3.17 21.20 -25.24
CA VAL A 144 -3.20 20.37 -24.04
C VAL A 144 -4.41 19.41 -24.00
N LEU A 145 -4.12 18.13 -23.86
CA LEU A 145 -5.15 17.17 -23.50
C LEU A 145 -5.46 17.22 -22.01
N GLU A 146 -6.67 17.70 -21.70
CA GLU A 146 -7.21 17.66 -20.35
C GLU A 146 -8.15 16.47 -20.08
N SER A 147 -8.77 15.89 -21.12
CA SER A 147 -9.65 14.71 -20.98
C SER A 147 -8.85 13.48 -20.48
N THR A 148 -9.49 12.64 -19.67
CA THR A 148 -8.88 11.41 -19.18
C THR A 148 -8.57 10.47 -20.36
N ILE A 149 -7.29 10.15 -20.58
CA ILE A 149 -6.90 9.31 -21.71
C ILE A 149 -6.11 8.10 -21.22
N THR A 150 -5.81 7.16 -22.11
CA THR A 150 -5.09 5.94 -21.74
C THR A 150 -3.64 6.06 -22.10
N PRO A 151 -2.78 5.40 -21.32
CA PRO A 151 -1.39 5.56 -21.69
C PRO A 151 -1.16 5.40 -23.18
N GLY A 152 -0.46 6.35 -23.79
CA GLY A 152 0.02 6.23 -25.16
C GLY A 152 -0.80 7.08 -26.13
N THR A 153 -1.90 7.65 -25.64
CA THR A 153 -2.75 8.50 -26.45
C THR A 153 -2.05 9.81 -26.93
N THR A 154 -1.46 10.57 -26.00
CA THR A 154 -0.76 11.79 -26.38
C THR A 154 0.27 11.58 -27.50
N GLU A 155 1.25 10.72 -27.25
CA GLU A 155 2.34 10.47 -28.21
C GLU A 155 1.86 9.62 -29.39
N GLY A 156 0.70 8.99 -29.23
CA GLY A 156 0.15 8.16 -30.27
C GLY A 156 -0.89 8.93 -31.07
N MET A 157 -2.17 8.66 -30.85
CA MET A 157 -3.15 9.17 -31.78
C MET A 157 -3.38 10.66 -31.70
N ALA A 158 -3.18 11.23 -30.52
CA ALA A 158 -3.40 12.64 -30.35
C ALA A 158 -2.46 13.36 -31.30
N LYS A 159 -1.16 13.10 -31.24
CA LYS A 159 -0.24 13.76 -32.19
C LYS A 159 -0.43 13.40 -33.69
N GLN A 160 -0.79 12.15 -34.01
CA GLN A 160 -1.07 11.76 -35.38
C GLN A 160 -2.18 12.66 -35.97
N ILE A 161 -3.35 12.67 -35.37
CA ILE A 161 -4.39 13.63 -35.74
C ILE A 161 -3.89 15.08 -35.82
N LEU A 162 -3.22 15.55 -34.78
CA LEU A 162 -2.73 16.92 -34.79
C LEU A 162 -1.84 17.10 -35.99
N GLU A 163 -1.01 16.09 -36.27
CA GLU A 163 -0.02 16.21 -37.32
C GLU A 163 -0.59 16.05 -38.71
N GLU A 164 -1.55 15.12 -38.89
CA GLU A 164 -2.19 14.89 -40.20
C GLU A 164 -3.00 16.12 -40.58
N GLU A 165 -3.69 16.73 -39.63
CA GLU A 165 -4.61 17.80 -39.99
C GLU A 165 -3.87 19.11 -40.28
N SER A 166 -2.89 19.42 -39.43
CA SER A 166 -2.20 20.68 -39.54
C SER A 166 -1.13 20.56 -40.61
N GLY A 167 -0.52 19.39 -40.69
CA GLY A 167 0.69 19.20 -41.46
C GLY A 167 1.91 19.82 -40.81
N LEU A 168 1.97 19.88 -39.47
CA LEU A 168 3.13 20.42 -38.75
C LEU A 168 3.60 19.37 -37.76
N LYS A 169 4.72 19.60 -37.08
CA LYS A 169 5.29 18.56 -36.24
C LYS A 169 5.24 18.91 -34.76
N ALA A 170 4.79 17.96 -33.97
CA ALA A 170 4.77 18.13 -32.53
C ALA A 170 6.18 18.14 -31.97
N GLY A 171 6.51 19.17 -31.19
CA GLY A 171 7.77 19.17 -30.46
C GLY A 171 8.78 19.87 -31.31
N GLU A 172 8.33 20.35 -32.46
CA GLU A 172 9.17 21.21 -33.26
C GLU A 172 8.33 22.43 -33.57
N ASP A 173 7.22 22.24 -34.28
CA ASP A 173 6.37 23.37 -34.67
C ASP A 173 5.40 23.84 -33.60
N PHE A 174 4.87 22.90 -32.80
CA PHE A 174 3.92 23.25 -31.76
C PHE A 174 4.21 22.41 -30.54
N ALA A 175 3.65 22.83 -29.40
CA ALA A 175 3.88 22.21 -28.11
C ALA A 175 2.67 21.35 -27.71
N LEU A 176 2.91 20.20 -27.07
CA LEU A 176 1.85 19.26 -26.76
C LEU A 176 2.01 18.74 -25.35
N ALA A 177 0.93 18.77 -24.59
CA ALA A 177 0.98 18.36 -23.20
C ALA A 177 -0.22 17.53 -22.83
N HIS A 178 -0.18 16.95 -21.63
CA HIS A 178 -1.35 16.28 -21.04
C HIS A 178 -1.50 16.73 -19.60
N ALA A 179 -2.62 17.37 -19.32
CA ALA A 179 -2.91 17.77 -17.97
C ALA A 179 -4.25 17.21 -17.52
N PRO A 180 -4.26 15.97 -17.02
CA PRO A 180 -5.48 15.39 -16.48
C PRO A 180 -5.87 16.06 -15.16
N GLU A 181 -7.16 16.03 -14.82
CA GLU A 181 -7.59 16.41 -13.50
C GLU A 181 -8.38 15.32 -12.83
N ARG A 182 -8.27 15.25 -11.51
CA ARG A 182 -9.23 14.51 -10.69
C ARG A 182 -10.06 15.55 -9.97
N VAL A 183 -11.35 15.45 -10.24
CA VAL A 183 -12.33 16.49 -10.00
C VAL A 183 -13.64 15.79 -9.62
N MET A 184 -14.50 16.44 -8.83
CA MET A 184 -15.90 16.00 -8.71
C MET A 184 -16.88 17.15 -8.73
N VAL A 185 -18.07 16.87 -9.28
CA VAL A 185 -19.15 17.86 -9.34
C VAL A 185 -19.49 18.30 -7.92
N GLY A 186 -19.98 19.53 -7.78
CA GLY A 186 -20.17 20.14 -6.46
C GLY A 186 -18.87 20.67 -5.85
N ARG A 187 -17.73 20.12 -6.30
CA ARG A 187 -16.41 20.53 -5.83
C ARG A 187 -15.46 20.97 -6.99
N LEU A 188 -16.03 21.53 -8.07
CA LEU A 188 -15.25 21.80 -9.30
C LEU A 188 -14.18 22.90 -9.14
N LEU A 189 -14.60 24.10 -8.75
CA LEU A 189 -13.69 25.20 -8.56
C LEU A 189 -12.52 24.94 -7.61
N LYS A 190 -12.75 24.29 -6.45
CA LYS A 190 -11.63 24.12 -5.53
C LYS A 190 -10.76 22.96 -5.86
N ASN A 191 -11.33 21.93 -6.49
CA ASN A 191 -10.53 20.80 -6.98
C ASN A 191 -9.46 21.30 -7.96
N ILE A 192 -9.89 22.00 -9.01
CA ILE A 192 -8.96 22.56 -9.98
C ILE A 192 -7.92 23.46 -9.30
N ARG A 193 -8.35 24.26 -8.31
CA ARG A 193 -7.48 25.23 -7.63
C ARG A 193 -6.57 24.60 -6.57
N GLU A 194 -7.07 23.63 -5.81
CA GLU A 194 -6.33 23.12 -4.63
C GLU A 194 -5.62 21.78 -4.87
N HIS A 195 -6.15 20.99 -5.81
CA HIS A 195 -5.50 19.77 -6.20
C HIS A 195 -4.20 20.07 -6.99
N ASP A 196 -3.10 19.44 -6.61
CA ASP A 196 -1.89 19.47 -7.41
C ASP A 196 -2.26 18.99 -8.77
N ARG A 197 -1.60 19.51 -9.79
CA ARG A 197 -2.01 19.31 -11.18
C ARG A 197 -0.87 18.64 -11.92
N ILE A 198 -1.11 17.42 -12.38
CA ILE A 198 -0.09 16.70 -13.17
C ILE A 198 -0.03 17.36 -14.58
N VAL A 199 1.16 17.75 -15.02
CA VAL A 199 1.26 18.39 -16.34
C VAL A 199 2.44 17.75 -17.00
N GLY A 200 2.21 17.06 -18.10
CA GLY A 200 3.27 16.35 -18.78
C GLY A 200 3.37 16.68 -20.24
N GLY A 201 4.54 17.17 -20.67
CA GLY A 201 4.72 17.61 -22.07
C GLY A 201 5.41 16.49 -22.79
N ILE A 202 5.33 16.50 -24.12
CA ILE A 202 6.01 15.49 -24.94
C ILE A 202 7.54 15.67 -25.03
N ASP A 203 8.00 16.83 -24.56
CA ASP A 203 9.40 17.21 -24.43
C ASP A 203 9.41 18.30 -23.40
N GLU A 204 10.61 18.66 -22.93
CA GLU A 204 10.76 19.64 -21.86
C GLU A 204 10.21 21.00 -22.23
N ALA A 205 10.32 21.37 -23.49
CA ALA A 205 9.80 22.64 -23.97
C ALA A 205 8.28 22.76 -23.79
N SER A 206 7.54 21.69 -24.12
CA SER A 206 6.04 21.69 -24.02
C SER A 206 5.59 21.61 -22.57
N THR A 207 6.29 20.80 -21.78
CA THR A 207 6.12 20.79 -20.33
C THR A 207 6.23 22.18 -19.72
N LYS A 208 7.28 22.93 -20.05
CA LYS A 208 7.50 24.25 -19.46
C LYS A 208 6.47 25.25 -19.95
N ARG A 209 6.05 25.10 -21.21
CA ARG A 209 5.00 25.97 -21.76
C ARG A 209 3.70 25.67 -21.05
N ALA A 210 3.51 24.40 -20.66
CA ALA A 210 2.21 24.03 -20.08
C ALA A 210 2.14 24.44 -18.61
N VAL A 211 3.23 24.24 -17.87
CA VAL A 211 3.34 24.78 -16.53
C VAL A 211 2.87 26.25 -16.47
N GLU A 212 3.27 27.05 -17.45
CA GLU A 212 2.86 28.45 -17.54
C GLU A 212 1.35 28.64 -17.72
N LEU A 213 0.72 27.66 -18.37
CA LEU A 213 -0.70 27.73 -18.64
C LEU A 213 -1.43 27.46 -17.34
N TYR A 214 -0.88 26.57 -16.52
CA TYR A 214 -1.60 26.15 -15.31
C TYR A 214 -1.21 26.77 -13.96
N SER A 215 -0.01 27.32 -13.83
CA SER A 215 0.39 27.93 -12.56
C SER A 215 -0.57 29.04 -12.10
N PRO A 216 -1.04 29.92 -13.03
CA PRO A 216 -1.83 31.04 -12.51
C PRO A 216 -3.22 30.73 -11.94
N VAL A 217 -3.82 29.60 -12.24
CA VAL A 217 -5.12 29.31 -11.61
C VAL A 217 -4.96 28.52 -10.31
N LEU A 218 -3.78 27.97 -10.08
CA LEU A 218 -3.57 27.24 -8.82
C LEU A 218 -3.47 28.21 -7.66
N THR A 219 -4.14 27.89 -6.57
CA THR A 219 -4.07 28.67 -5.35
C THR A 219 -3.87 27.66 -4.27
N VAL A 220 -2.68 27.20 -3.96
CA VAL A 220 -2.59 26.13 -2.97
C VAL A 220 -2.22 24.84 -3.60
N GLY A 221 -2.91 24.49 -4.69
CA GLY A 221 -2.46 23.37 -5.51
C GLY A 221 -1.10 23.70 -6.08
N GLN A 222 -0.32 22.67 -6.40
CA GLN A 222 0.92 22.91 -7.12
C GLN A 222 0.99 22.03 -8.36
N VAL A 223 1.72 22.51 -9.35
CA VAL A 223 1.94 21.81 -10.60
C VAL A 223 2.99 20.73 -10.40
N ILE A 224 2.71 19.54 -10.95
CA ILE A 224 3.68 18.43 -10.88
C ILE A 224 4.08 18.15 -12.31
N PRO A 225 5.30 18.59 -12.70
CA PRO A 225 5.71 18.54 -14.11
C PRO A 225 6.42 17.22 -14.44
N MET A 226 6.10 16.64 -15.61
CA MET A 226 6.70 15.39 -16.08
C MET A 226 6.49 15.20 -17.62
N SER A 227 6.78 14.00 -18.15
CA SER A 227 6.54 13.72 -19.55
C SER A 227 5.05 13.49 -19.74
N ALA A 228 4.53 13.70 -20.92
CA ALA A 228 3.11 13.40 -21.23
C ALA A 228 2.74 11.95 -20.88
N THR A 229 3.59 11.02 -21.30
CA THR A 229 3.35 9.60 -21.06
C THR A 229 3.32 9.33 -19.55
N ALA A 230 4.19 9.98 -18.79
CA ALA A 230 4.22 9.79 -17.33
C ALA A 230 2.94 10.33 -16.69
N ALA A 231 2.42 11.41 -17.25
CA ALA A 231 1.17 12.01 -16.80
C ALA A 231 0.07 11.02 -16.96
N GLU A 232 -0.04 10.37 -18.12
CA GLU A 232 -1.11 9.40 -18.40
C GLU A 232 -1.04 8.17 -17.49
N VAL A 233 0.17 7.70 -17.25
CA VAL A 233 0.43 6.60 -16.36
C VAL A 233 0.12 6.93 -14.92
N THR A 234 0.30 8.18 -14.54
CA THR A 234 0.01 8.59 -13.17
C THR A 234 -1.40 8.28 -12.73
N LYS A 235 -2.37 8.68 -13.57
CA LYS A 235 -3.76 8.37 -13.28
C LYS A 235 -4.10 6.89 -13.28
N THR A 236 -3.47 6.08 -14.15
CA THR A 236 -3.77 4.65 -14.08
C THR A 236 -3.12 4.08 -12.82
N ALA A 237 -1.87 4.44 -12.56
CA ALA A 237 -1.16 3.99 -11.34
C ALA A 237 -1.91 4.32 -10.08
N GLU A 238 -2.61 5.45 -10.04
CA GLU A 238 -3.31 5.73 -8.76
C GLU A 238 -4.47 4.79 -8.51
N ASN A 239 -5.18 4.41 -9.57
CA ASN A 239 -6.25 3.47 -9.42
C ASN A 239 -5.73 2.06 -9.20
N THR A 240 -4.74 1.65 -9.98
CA THR A 240 -4.06 0.38 -9.79
C THR A 240 -3.55 0.13 -8.32
N PHE A 241 -2.83 1.10 -7.77
CA PHE A 241 -2.25 0.95 -6.44
C PHE A 241 -3.35 0.87 -5.40
N ARG A 242 -4.40 1.68 -5.56
CA ARG A 242 -5.60 1.61 -4.71
C ARG A 242 -6.23 0.23 -4.83
N ASP A 243 -6.44 -0.21 -6.07
CA ASP A 243 -7.03 -1.51 -6.35
C ASP A 243 -6.22 -2.61 -5.68
N LEU A 244 -4.92 -2.52 -5.76
CA LEU A 244 -4.05 -3.43 -5.04
C LEU A 244 -4.16 -3.35 -3.52
N GLN A 245 -4.30 -2.14 -2.94
CA GLN A 245 -4.45 -2.10 -1.47
C GLN A 245 -5.72 -2.78 -1.02
N ILE A 246 -6.71 -2.77 -1.91
CA ILE A 246 -7.99 -3.36 -1.59
C ILE A 246 -7.87 -4.86 -1.72
N ALA A 247 -7.16 -5.30 -2.74
CA ALA A 247 -7.04 -6.70 -2.92
C ALA A 247 -6.22 -7.27 -1.76
N ALA A 248 -5.24 -6.48 -1.27
CA ALA A 248 -4.45 -6.81 -0.06
C ALA A 248 -5.24 -7.16 1.18
N ILE A 249 -6.17 -6.28 1.62
CA ILE A 249 -6.88 -6.61 2.85
C ILE A 249 -7.90 -7.69 2.58
N ASN A 250 -8.53 -7.62 1.40
CA ASN A 250 -9.55 -8.59 1.03
C ASN A 250 -8.92 -9.93 1.20
N GLN A 251 -7.70 -10.06 0.67
CA GLN A 251 -6.92 -11.26 0.82
C GLN A 251 -6.65 -11.63 2.28
N LEU A 252 -6.39 -10.65 3.12
CA LEU A 252 -6.04 -10.97 4.49
C LEU A 252 -7.32 -11.46 5.15
N ALA A 253 -8.45 -10.87 4.73
CA ALA A 253 -9.75 -11.29 5.19
C ALA A 253 -9.96 -12.78 4.89
N LEU A 254 -9.76 -13.23 3.65
CA LEU A 254 -9.81 -14.68 3.37
C LEU A 254 -8.88 -15.48 4.32
N TYR A 255 -7.63 -15.06 4.50
CA TYR A 255 -6.73 -15.73 5.44
C TYR A 255 -7.26 -15.74 6.87
N CYS A 256 -7.95 -14.68 7.27
CA CYS A 256 -8.40 -14.58 8.65
C CYS A 256 -9.60 -15.47 8.91
N GLU A 257 -10.41 -15.61 7.87
CA GLU A 257 -11.46 -16.60 7.91
C GLU A 257 -10.91 -18.00 8.14
N ALA A 258 -9.87 -18.35 7.42
CA ALA A 258 -9.29 -19.67 7.55
C ALA A 258 -8.75 -19.92 8.96
N MET A 259 -8.30 -18.88 9.67
CA MET A 259 -7.58 -19.06 10.94
C MET A 259 -8.54 -18.80 12.09
N GLY A 260 -9.81 -18.56 11.78
CA GLY A 260 -10.76 -18.32 12.85
C GLY A 260 -10.44 -17.06 13.63
N ILE A 261 -9.82 -16.06 12.98
CA ILE A 261 -9.52 -14.77 13.67
C ILE A 261 -10.18 -13.53 13.04
N ASN A 262 -10.26 -12.43 13.77
CA ASN A 262 -10.92 -11.22 13.31
C ASN A 262 -10.05 -10.41 12.40
N VAL A 263 -10.44 -10.21 11.13
CA VAL A 263 -9.63 -9.32 10.26
C VAL A 263 -9.45 -7.91 10.87
N TYR A 264 -10.48 -7.41 11.55
CA TYR A 264 -10.44 -6.02 12.02
C TYR A 264 -9.46 -5.78 13.16
N ASP A 265 -9.16 -6.81 13.94
CA ASP A 265 -8.18 -6.69 14.99
C ASP A 265 -6.80 -6.72 14.35
N VAL A 266 -6.65 -7.55 13.33
CA VAL A 266 -5.37 -7.63 12.64
C VAL A 266 -5.15 -6.27 12.06
N ARG A 267 -6.13 -5.81 11.31
CA ARG A 267 -6.08 -4.50 10.67
C ARG A 267 -5.84 -3.29 11.62
N THR A 268 -6.58 -3.19 12.72
CA THR A 268 -6.23 -2.12 13.69
C THR A 268 -4.79 -2.27 14.26
N GLY A 269 -4.40 -3.49 14.60
CA GLY A 269 -3.01 -3.77 14.91
C GLY A 269 -2.05 -3.21 13.86
N VAL A 270 -2.19 -3.65 12.60
CA VAL A 270 -1.32 -3.17 11.52
C VAL A 270 -1.29 -1.63 11.42
N ASP A 271 -2.48 -1.05 11.45
CA ASP A 271 -2.70 0.36 11.24
C ASP A 271 -2.12 1.22 12.35
N SER A 272 -1.62 0.58 13.40
CA SER A 272 -1.00 1.34 14.50
C SER A 272 0.42 1.74 14.19
N LEU A 273 0.89 1.43 12.98
CA LEU A 273 2.17 1.94 12.49
C LEU A 273 1.95 3.20 11.68
N LYS A 274 2.46 4.31 12.20
CA LYS A 274 2.11 5.64 11.68
C LYS A 274 3.22 6.25 10.83
N GLY A 275 2.81 6.85 9.70
CA GLY A 275 3.72 7.31 8.64
C GLY A 275 4.45 8.60 8.97
N GLU A 276 5.15 9.19 7.98
CA GLU A 276 5.06 8.81 6.58
C GLU A 276 6.28 8.01 6.06
N GLY A 277 6.07 7.28 4.96
CA GLY A 277 6.98 6.25 4.50
C GLY A 277 6.93 5.01 5.38
N ILE A 278 6.16 5.07 6.46
CA ILE A 278 5.98 3.95 7.40
C ILE A 278 4.57 3.32 7.29
N THR A 279 3.51 4.13 7.34
CA THR A 279 2.13 3.61 7.24
C THR A 279 2.01 2.52 6.19
N ARG A 280 1.21 1.51 6.51
CA ARG A 280 0.83 0.52 5.52
C ARG A 280 -0.46 0.96 4.86
N ALA A 281 -1.02 2.06 5.35
CA ALA A 281 -2.23 2.70 4.79
C ALA A 281 -3.33 1.69 4.43
N VAL A 282 -3.68 0.86 5.39
CA VAL A 282 -4.59 -0.29 5.23
C VAL A 282 -6.06 0.10 5.06
N LEU A 283 -6.63 -0.29 3.94
CA LEU A 283 -8.03 -0.03 3.65
C LEU A 283 -8.93 -1.09 4.32
N TRP A 284 -10.11 -1.27 3.74
CA TRP A 284 -11.19 -2.05 4.34
C TRP A 284 -11.57 -3.10 3.32
N PRO A 285 -11.76 -4.33 3.79
CA PRO A 285 -12.12 -5.48 2.91
C PRO A 285 -13.64 -5.45 2.65
N GLY A 286 -14.14 -6.21 1.65
CA GLY A 286 -15.54 -6.08 1.23
C GLY A 286 -16.05 -6.97 0.09
N ALA A 287 -17.32 -6.78 -0.27
CA ALA A 287 -18.00 -7.64 -1.25
C ALA A 287 -17.48 -7.46 -2.66
N GLY A 288 -16.62 -6.48 -2.89
CA GLY A 288 -16.02 -6.36 -4.21
C GLY A 288 -15.71 -4.94 -4.60
N VAL A 289 -15.12 -4.75 -5.78
CA VAL A 289 -14.72 -3.42 -6.23
C VAL A 289 -15.60 -3.01 -7.43
N GLY A 290 -16.07 -1.77 -7.42
CA GLY A 290 -16.91 -1.31 -8.52
C GLY A 290 -16.24 -0.14 -9.17
N GLY A 291 -16.89 0.42 -10.20
CA GLY A 291 -16.47 1.67 -10.87
C GLY A 291 -15.82 1.41 -12.21
N HIS A 292 -15.29 2.45 -12.85
CA HIS A 292 -14.60 2.25 -14.12
C HIS A 292 -13.13 2.13 -13.88
N CYS A 293 -12.55 3.21 -13.38
CA CYS A 293 -11.10 3.36 -13.11
C CYS A 293 -10.52 2.14 -12.40
N LEU A 294 -10.93 1.95 -11.15
CA LEU A 294 -10.49 0.85 -10.30
C LEU A 294 -10.53 -0.55 -10.90
N THR A 295 -11.49 -0.81 -11.80
CA THR A 295 -11.65 -2.13 -12.42
C THR A 295 -10.92 -2.24 -13.78
N LYS A 296 -10.49 -1.14 -14.37
CA LYS A 296 -10.08 -1.16 -15.77
C LYS A 296 -8.70 -0.65 -16.01
N ASP A 297 -8.23 0.19 -15.11
CA ASP A 297 -6.97 0.84 -15.31
C ASP A 297 -5.82 -0.15 -15.41
N THR A 298 -5.83 -1.28 -14.70
CA THR A 298 -4.59 -2.01 -14.72
C THR A 298 -4.42 -2.69 -16.05
N TYR A 299 -5.52 -2.95 -16.75
CA TYR A 299 -5.45 -3.47 -18.13
C TYR A 299 -4.85 -2.46 -19.04
N HIS A 300 -5.16 -1.17 -18.81
CA HIS A 300 -4.43 -0.11 -19.48
C HIS A 300 -2.91 -0.03 -19.23
N LEU A 301 -2.46 -0.26 -17.99
CA LEU A 301 -1.00 -0.36 -17.70
C LEU A 301 -0.40 -1.54 -18.43
N GLU A 302 -1.06 -2.67 -18.29
CA GLU A 302 -0.64 -3.86 -18.99
C GLU A 302 -0.48 -3.61 -20.45
N ARG A 303 -1.51 -3.14 -21.16
CA ARG A 303 -1.35 -2.84 -22.59
C ARG A 303 -0.23 -1.80 -22.73
N GLY A 304 -0.28 -0.77 -21.91
CA GLY A 304 0.72 0.31 -21.93
C GLY A 304 2.19 -0.12 -21.88
N VAL A 305 2.49 -1.14 -21.09
CA VAL A 305 3.85 -1.59 -20.93
C VAL A 305 4.40 -2.14 -22.25
N LYS A 306 3.49 -2.45 -23.17
CA LYS A 306 3.84 -3.21 -24.38
C LYS A 306 3.65 -2.42 -25.67
N ILE A 307 3.24 -1.17 -25.56
CA ILE A 307 2.91 -0.42 -26.76
C ILE A 307 4.20 0.17 -27.36
N GLY A 308 5.13 0.57 -26.48
CA GLY A 308 6.37 1.23 -26.88
C GLY A 308 7.48 0.31 -27.42
N ARG A 309 8.62 0.94 -27.72
CA ARG A 309 9.86 0.22 -27.99
C ARG A 309 10.70 0.23 -26.70
N GLY A 310 11.01 -0.96 -26.18
CA GLY A 310 11.46 -1.12 -24.79
C GLY A 310 11.18 -2.51 -24.23
N GLU A 311 12.24 -3.13 -23.70
CA GLU A 311 12.17 -4.48 -23.15
C GLU A 311 11.73 -4.45 -21.66
N LEU A 312 10.69 -5.21 -21.32
CA LEU A 312 10.28 -5.38 -19.92
C LEU A 312 11.01 -6.56 -19.27
N ASP A 313 11.72 -6.25 -18.19
CA ASP A 313 12.47 -7.20 -17.39
C ASP A 313 11.60 -7.52 -16.18
N TYR A 314 11.18 -8.77 -16.05
CA TYR A 314 10.18 -9.15 -15.03
C TYR A 314 10.42 -10.60 -14.68
N PRO A 315 10.15 -11.00 -13.44
CA PRO A 315 10.64 -12.38 -13.25
C PRO A 315 9.84 -13.45 -14.02
N GLU A 316 10.53 -14.55 -14.37
CA GLU A 316 10.06 -15.61 -15.25
C GLU A 316 8.78 -16.30 -14.73
N GLY A 317 7.79 -16.48 -15.61
CA GLY A 317 6.51 -17.06 -15.22
C GLY A 317 5.50 -15.99 -14.85
N ALA A 318 5.78 -15.24 -13.78
CA ALA A 318 5.15 -13.92 -13.58
C ALA A 318 3.72 -13.91 -13.08
N ASP A 319 2.89 -13.22 -13.82
CA ASP A 319 1.66 -12.62 -13.33
C ASP A 319 2.10 -11.33 -12.70
N SER A 320 1.65 -10.26 -13.33
CA SER A 320 1.75 -8.94 -12.83
C SER A 320 1.01 -8.99 -11.53
N ILE A 321 1.62 -8.42 -10.52
CA ILE A 321 0.92 -8.17 -9.26
C ILE A 321 -0.43 -7.51 -9.49
N TYR A 322 -0.54 -6.62 -10.44
CA TYR A 322 -1.78 -5.85 -10.52
C TYR A 322 -2.85 -6.74 -11.09
N VAL A 323 -2.47 -7.57 -12.06
CA VAL A 323 -3.40 -8.47 -12.74
C VAL A 323 -4.03 -9.40 -11.70
N LEU A 324 -3.22 -9.83 -10.72
CA LEU A 324 -3.70 -10.71 -9.70
C LEU A 324 -4.39 -9.97 -8.57
N ALA A 325 -4.14 -8.68 -8.44
CA ALA A 325 -5.09 -7.85 -7.66
C ALA A 325 -6.52 -7.84 -8.26
N ARG A 326 -6.60 -7.65 -9.57
CA ARG A 326 -7.91 -7.66 -10.23
C ARG A 326 -8.68 -8.97 -9.95
N LYS A 327 -7.97 -10.09 -9.83
CA LYS A 327 -8.67 -11.36 -9.65
C LYS A 327 -9.14 -11.59 -8.22
N VAL A 328 -8.35 -11.12 -7.24
CA VAL A 328 -8.72 -11.21 -5.83
C VAL A 328 -10.03 -10.42 -5.69
N ASN A 329 -9.99 -9.15 -6.05
CA ASN A 329 -11.14 -8.28 -6.00
C ASN A 329 -12.36 -8.76 -6.81
N ASP A 330 -12.14 -9.37 -7.99
CA ASP A 330 -13.22 -9.98 -8.79
C ASP A 330 -13.83 -11.19 -8.09
N PHE A 331 -13.09 -11.78 -7.15
CA PHE A 331 -13.53 -13.00 -6.49
C PHE A 331 -14.53 -12.77 -5.40
N MET A 332 -14.51 -11.58 -4.82
CA MET A 332 -15.24 -11.32 -3.62
C MET A 332 -16.75 -11.56 -3.75
N PRO A 333 -17.37 -11.21 -4.91
CA PRO A 333 -18.75 -11.69 -5.08
C PRO A 333 -18.91 -13.19 -4.96
N ALA A 334 -18.03 -13.98 -5.56
CA ALA A 334 -18.11 -15.44 -5.41
C ALA A 334 -17.88 -15.83 -3.94
N HIS A 335 -17.00 -15.10 -3.24
CA HIS A 335 -16.78 -15.40 -1.85
C HIS A 335 -18.02 -15.13 -1.02
N MET A 336 -18.75 -14.06 -1.39
CA MET A 336 -19.98 -13.65 -0.67
C MET A 336 -20.99 -14.75 -0.83
N TYR A 337 -21.20 -15.16 -2.08
CA TYR A 337 -22.01 -16.32 -2.42
C TYR A 337 -21.65 -17.61 -1.66
N ASN A 338 -20.37 -18.02 -1.62
CA ASN A 338 -19.98 -19.20 -0.81
C ASN A 338 -20.34 -19.07 0.67
N LEU A 339 -20.27 -17.86 1.20
CA LEU A 339 -20.56 -17.63 2.59
C LEU A 339 -22.06 -17.77 2.82
N THR A 340 -22.85 -17.30 1.86
CA THR A 340 -24.30 -17.43 2.02
C THR A 340 -24.78 -18.88 1.87
N VAL A 341 -24.25 -19.60 0.87
CA VAL A 341 -24.39 -21.05 0.78
C VAL A 341 -23.92 -21.74 2.06
N ALA A 342 -22.73 -21.41 2.52
CA ALA A 342 -22.26 -22.00 3.75
C ALA A 342 -23.20 -21.75 4.90
N ALA A 343 -23.76 -20.55 5.00
CA ALA A 343 -24.64 -20.23 6.14
C ALA A 343 -25.91 -21.03 6.05
N LEU A 344 -26.45 -21.22 4.84
CA LEU A 344 -27.65 -22.06 4.72
C LEU A 344 -27.32 -23.55 5.04
N GLU A 345 -26.15 -24.08 4.63
CA GLU A 345 -25.74 -25.43 5.03
C GLU A 345 -25.98 -25.67 6.52
N ARG A 346 -25.64 -24.67 7.36
CA ARG A 346 -25.67 -24.83 8.81
C ARG A 346 -27.07 -25.19 9.28
N LEU A 347 -28.05 -24.86 8.46
CA LEU A 347 -29.44 -25.16 8.75
C LEU A 347 -30.01 -26.35 7.99
N GLY A 348 -29.21 -26.97 7.13
CA GLY A 348 -29.77 -27.92 6.19
C GLY A 348 -30.63 -27.31 5.07
N LYS A 349 -30.46 -26.00 4.80
CA LYS A 349 -31.03 -25.33 3.59
C LYS A 349 -30.03 -25.18 2.43
N LYS A 350 -30.55 -25.05 1.22
CA LYS A 350 -29.76 -24.89 -0.02
C LYS A 350 -30.20 -23.66 -0.81
N MET A 351 -29.29 -23.06 -1.55
CA MET A 351 -29.65 -21.85 -2.32
C MET A 351 -30.95 -21.99 -3.10
N ASP A 352 -31.13 -23.13 -3.75
CA ASP A 352 -32.31 -23.37 -4.58
C ASP A 352 -33.64 -23.31 -3.79
N GLY A 353 -34.60 -22.53 -4.30
CA GLY A 353 -35.88 -22.36 -3.68
C GLY A 353 -35.91 -21.40 -2.51
N SER A 354 -34.72 -20.96 -2.10
CA SER A 354 -34.60 -20.02 -0.98
C SER A 354 -34.73 -18.59 -1.48
N LYS A 355 -35.26 -17.71 -0.66
CA LYS A 355 -35.30 -16.29 -1.01
C LYS A 355 -34.13 -15.51 -0.37
N VAL A 356 -33.40 -14.74 -1.21
CA VAL A 356 -32.30 -13.84 -0.80
C VAL A 356 -32.69 -12.35 -0.89
N ALA A 357 -32.52 -11.61 0.21
CA ALA A 357 -32.70 -10.14 0.20
C ALA A 357 -31.33 -9.51 0.14
N MET A 358 -31.06 -8.93 -1.03
CA MET A 358 -29.92 -8.09 -1.29
C MET A 358 -30.14 -6.69 -0.72
N LEU A 359 -29.43 -6.40 0.36
CA LEU A 359 -29.44 -5.06 0.92
C LEU A 359 -28.29 -4.30 0.33
N GLY A 360 -28.54 -3.54 -0.72
CA GLY A 360 -27.46 -2.76 -1.30
C GLY A 360 -27.09 -3.14 -2.71
N TRP A 361 -27.33 -2.20 -3.62
CA TRP A 361 -27.00 -2.36 -5.03
C TRP A 361 -25.90 -1.39 -5.46
N ALA A 362 -25.94 -0.12 -5.03
CA ALA A 362 -24.76 0.74 -5.18
C ALA A 362 -23.61 0.15 -4.37
N PHE A 363 -22.37 0.62 -4.54
CA PHE A 363 -21.27 0.00 -3.77
C PHE A 363 -20.56 0.95 -2.80
N ILE A 364 -20.88 2.25 -2.84
CA ILE A 364 -20.40 3.24 -1.85
C ILE A 364 -21.48 3.62 -0.84
N LYS A 365 -21.08 3.72 0.43
CA LYS A 365 -21.94 4.09 1.54
C LYS A 365 -22.81 5.28 1.16
N ASP A 366 -24.05 5.02 0.77
CA ASP A 366 -25.06 6.06 0.46
C ASP A 366 -24.97 6.74 -0.91
N SER A 367 -24.53 5.99 -1.92
CA SER A 367 -24.39 6.54 -3.25
C SER A 367 -25.47 6.06 -4.16
N ASP A 368 -25.78 6.85 -5.19
CA ASP A 368 -26.75 6.49 -6.22
C ASP A 368 -26.19 5.76 -7.45
N ASP A 369 -24.95 5.28 -7.37
CA ASP A 369 -24.36 4.76 -8.58
C ASP A 369 -23.90 3.31 -8.48
N ALA A 370 -24.22 2.58 -9.53
CA ALA A 370 -23.93 1.16 -9.57
C ALA A 370 -23.22 0.80 -10.85
N ARG A 371 -22.23 1.62 -11.20
CA ARG A 371 -21.40 1.38 -12.36
C ARG A 371 -20.44 0.23 -12.04
N ASN A 372 -20.70 -0.92 -12.67
CA ASN A 372 -19.96 -2.16 -12.37
C ASN A 372 -20.04 -2.63 -10.91
N THR A 373 -21.26 -2.63 -10.35
CA THR A 373 -21.49 -3.09 -8.96
C THR A 373 -21.06 -4.51 -8.81
N PRO A 374 -20.25 -4.79 -7.80
CA PRO A 374 -19.99 -6.19 -7.47
C PRO A 374 -21.28 -6.91 -6.99
N SER A 375 -22.37 -6.17 -6.82
CA SER A 375 -23.68 -6.78 -6.47
C SER A 375 -24.28 -7.55 -7.65
N GLU A 376 -23.93 -7.14 -8.88
CA GLU A 376 -24.44 -7.83 -10.05
C GLU A 376 -23.91 -9.26 -10.13
N PRO A 377 -22.59 -9.48 -10.24
CA PRO A 377 -22.21 -10.91 -10.32
C PRO A 377 -22.72 -11.75 -9.15
N TYR A 378 -22.95 -11.14 -7.98
CA TYR A 378 -23.50 -11.88 -6.84
C TYR A 378 -24.93 -12.26 -7.12
N ARG A 379 -25.74 -11.27 -7.49
CA ARG A 379 -27.14 -11.52 -7.82
C ARG A 379 -27.24 -12.62 -8.86
N ASP A 380 -26.31 -12.64 -9.80
CA ASP A 380 -26.33 -13.62 -10.87
C ASP A 380 -26.07 -15.05 -10.43
N LEU A 381 -25.12 -15.22 -9.49
CA LEU A 381 -24.86 -16.52 -8.85
C LEU A 381 -26.08 -17.07 -8.14
N CYS A 382 -26.81 -16.24 -7.42
CA CYS A 382 -27.97 -16.75 -6.72
C CYS A 382 -29.07 -17.23 -7.66
N LEU A 383 -29.32 -16.45 -8.71
CA LEU A 383 -30.42 -16.69 -9.63
C LEU A 383 -30.22 -18.00 -10.40
N LYS A 384 -28.96 -18.38 -10.61
CA LYS A 384 -28.64 -19.56 -11.40
C LYS A 384 -28.81 -20.79 -10.55
N ALA A 385 -28.43 -20.65 -9.28
CA ALA A 385 -28.52 -21.74 -8.33
C ALA A 385 -29.97 -22.12 -7.99
N GLY A 386 -30.91 -21.24 -8.35
CA GLY A 386 -32.34 -21.56 -8.30
C GLY A 386 -33.08 -20.78 -7.22
N ALA A 387 -32.39 -19.81 -6.63
CA ALA A 387 -32.94 -18.96 -5.57
C ALA A 387 -33.69 -17.81 -6.18
N SER A 388 -34.71 -17.31 -5.48
CA SER A 388 -35.34 -16.07 -5.94
C SER A 388 -34.72 -14.87 -5.20
N VAL A 389 -34.65 -13.73 -5.90
CA VAL A 389 -33.94 -12.59 -5.41
C VAL A 389 -34.73 -11.26 -5.43
N MET A 390 -34.70 -10.56 -4.30
CA MET A 390 -35.18 -9.18 -4.18
C MET A 390 -34.07 -8.24 -3.70
N VAL A 391 -33.86 -7.16 -4.47
CA VAL A 391 -32.81 -6.17 -4.36
C VAL A 391 -33.36 -4.89 -3.77
N HIS A 392 -32.67 -4.39 -2.74
CA HIS A 392 -33.02 -3.15 -2.11
C HIS A 392 -31.89 -2.16 -2.19
N ASP A 393 -32.28 -0.89 -2.29
CA ASP A 393 -31.33 0.21 -2.28
C ASP A 393 -32.09 1.54 -2.19
N PRO A 394 -31.71 2.39 -1.20
CA PRO A 394 -32.47 3.62 -0.94
C PRO A 394 -32.26 4.64 -2.02
N TYR A 395 -31.22 4.45 -2.84
CA TYR A 395 -30.73 5.50 -3.75
C TYR A 395 -30.80 5.16 -5.21
N VAL A 396 -30.53 3.92 -5.54
CA VAL A 396 -30.40 3.56 -6.94
C VAL A 396 -31.77 3.37 -7.56
N VAL A 397 -32.13 4.26 -8.46
CA VAL A 397 -33.35 4.08 -9.20
C VAL A 397 -32.99 3.83 -10.67
N ASN A 398 -33.69 2.89 -11.29
CA ASN A 398 -33.61 2.67 -12.75
C ASN A 398 -32.31 2.04 -13.19
N TYR A 399 -32.08 0.82 -12.75
CA TYR A 399 -30.96 0.05 -13.28
C TYR A 399 -31.49 -0.65 -14.52
N PRO A 400 -30.64 -0.76 -15.55
CA PRO A 400 -31.11 -1.40 -16.79
C PRO A 400 -31.34 -2.92 -16.62
N GLY A 401 -32.57 -3.36 -16.97
CA GLY A 401 -32.99 -4.77 -16.94
C GLY A 401 -32.91 -5.47 -15.60
N VAL A 402 -33.05 -4.70 -14.51
CA VAL A 402 -32.88 -5.19 -13.13
C VAL A 402 -33.73 -4.33 -12.19
N GLU A 403 -34.68 -4.93 -11.47
CA GLU A 403 -35.61 -4.15 -10.62
C GLU A 403 -35.20 -4.01 -9.15
N ILE A 404 -35.08 -2.76 -8.70
CA ILE A 404 -34.54 -2.39 -7.38
C ILE A 404 -35.66 -1.74 -6.59
N SER A 405 -35.69 -1.96 -5.28
CA SER A 405 -36.79 -1.42 -4.49
C SER A 405 -36.36 -0.45 -3.36
N ASP A 406 -37.22 0.51 -3.11
CA ASP A 406 -37.12 1.48 -2.01
C ASP A 406 -37.34 0.82 -0.63
N ASN A 407 -38.36 -0.03 -0.48
CA ASN A 407 -38.77 -0.46 0.86
C ASN A 407 -38.22 -1.81 1.36
N LEU A 408 -37.48 -1.68 2.47
CA LEU A 408 -36.71 -2.74 3.06
C LEU A 408 -37.62 -3.91 3.40
N GLU A 409 -38.76 -3.58 4.02
CA GLU A 409 -39.74 -4.53 4.53
C GLU A 409 -40.14 -5.53 3.44
N GLU A 410 -40.46 -5.03 2.25
CA GLU A 410 -40.98 -5.95 1.26
C GLU A 410 -39.85 -6.85 0.77
N VAL A 411 -38.66 -6.27 0.63
CA VAL A 411 -37.47 -7.01 0.26
C VAL A 411 -37.07 -8.07 1.29
N VAL A 412 -37.17 -7.72 2.56
CA VAL A 412 -36.74 -8.62 3.62
C VAL A 412 -37.79 -9.65 4.02
N ARG A 413 -39.07 -9.35 3.79
CA ARG A 413 -40.11 -10.27 4.25
C ARG A 413 -40.00 -11.66 3.64
N ASN A 414 -40.06 -12.67 4.50
CA ASN A 414 -39.96 -14.07 4.09
C ASN A 414 -38.59 -14.53 3.55
N ALA A 415 -37.57 -13.70 3.69
CA ALA A 415 -36.26 -14.02 3.14
C ALA A 415 -35.45 -15.03 3.95
N ASP A 416 -34.86 -16.01 3.27
CA ASP A 416 -34.00 -17.00 3.93
C ASP A 416 -32.66 -16.42 4.32
N ALA A 417 -32.07 -15.62 3.42
CA ALA A 417 -30.80 -14.97 3.68
C ALA A 417 -30.90 -13.47 3.55
N ILE A 418 -30.30 -12.73 4.49
CA ILE A 418 -30.16 -11.30 4.37
C ILE A 418 -28.67 -10.99 4.14
N VAL A 419 -28.41 -10.34 3.01
CA VAL A 419 -27.06 -10.21 2.48
C VAL A 419 -26.70 -8.72 2.20
N VAL A 420 -25.66 -8.23 2.87
CA VAL A 420 -25.41 -6.79 2.89
C VAL A 420 -24.23 -6.50 1.95
N LEU A 421 -24.43 -5.67 0.92
CA LEU A 421 -23.38 -5.44 -0.09
C LEU A 421 -22.92 -3.99 -0.26
N ALA A 422 -23.74 -3.06 0.25
CA ALA A 422 -23.37 -1.66 0.31
C ALA A 422 -23.37 -1.28 1.76
N GLY A 423 -22.46 -0.44 2.19
CA GLY A 423 -22.49 0.05 3.56
C GLY A 423 -23.45 1.20 3.87
N HIS A 424 -24.57 1.31 3.12
CA HIS A 424 -25.57 2.36 3.36
C HIS A 424 -25.91 2.50 4.82
N SER A 425 -26.32 3.70 5.24
CA SER A 425 -26.57 3.95 6.66
C SER A 425 -27.83 3.21 7.14
N ALA A 426 -28.81 3.08 6.25
CA ALA A 426 -30.01 2.30 6.52
C ALA A 426 -29.67 0.90 7.04
N TYR A 427 -28.57 0.35 6.56
CA TYR A 427 -28.18 -0.99 6.93
C TYR A 427 -27.43 -1.02 8.25
N SER A 428 -26.79 0.10 8.61
CA SER A 428 -26.11 0.20 9.91
C SER A 428 -27.12 0.36 11.04
N SER A 429 -28.31 0.85 10.69
CA SER A 429 -29.40 0.98 11.64
C SER A 429 -30.27 -0.28 11.71
N LEU A 430 -30.11 -1.20 10.77
CA LEU A 430 -30.87 -2.46 10.80
C LEU A 430 -30.75 -3.17 12.15
N LYS A 431 -31.89 -3.36 12.81
CA LYS A 431 -31.95 -3.99 14.14
C LYS A 431 -32.38 -5.45 14.04
N ALA A 432 -31.73 -6.31 14.83
CA ALA A 432 -31.94 -7.76 14.72
C ALA A 432 -33.43 -8.18 14.81
N ASP A 433 -34.15 -7.72 15.84
CA ASP A 433 -35.55 -8.04 16.06
C ASP A 433 -36.38 -7.94 14.80
N TRP A 434 -36.21 -6.81 14.14
CA TRP A 434 -37.03 -6.41 13.02
C TRP A 434 -36.79 -7.34 11.84
N ALA A 435 -35.52 -7.54 11.51
CA ALA A 435 -35.17 -8.42 10.39
C ALA A 435 -35.60 -9.85 10.69
N LYS A 436 -35.50 -10.24 11.95
CA LYS A 436 -35.93 -11.56 12.36
C LYS A 436 -37.42 -11.72 12.12
N LYS A 437 -38.20 -10.72 12.51
CA LYS A 437 -39.64 -10.89 12.38
C LYS A 437 -40.12 -10.69 10.95
N VAL A 438 -39.56 -9.73 10.24
CA VAL A 438 -39.96 -9.54 8.86
C VAL A 438 -39.52 -10.73 8.01
N SER A 439 -38.27 -11.19 8.15
CA SER A 439 -37.87 -12.39 7.46
C SER A 439 -38.77 -13.55 7.91
N ALA A 440 -39.28 -13.46 9.14
CA ALA A 440 -39.90 -14.62 9.79
C ALA A 440 -38.79 -15.67 9.68
N LYS A 441 -38.95 -16.88 10.19
CA LYS A 441 -37.89 -17.90 10.02
C LYS A 441 -37.46 -18.71 11.23
N ALA A 442 -36.99 -18.06 12.26
CA ALA A 442 -36.49 -18.83 13.41
C ALA A 442 -34.99 -18.74 13.38
N ASN A 443 -34.39 -19.33 12.37
CA ASN A 443 -32.99 -19.09 12.15
C ASN A 443 -32.74 -18.44 10.81
N PRO A 444 -32.99 -17.12 10.73
CA PRO A 444 -32.65 -16.42 9.52
C PRO A 444 -31.17 -16.18 9.43
N VAL A 445 -30.73 -16.08 8.18
CA VAL A 445 -29.35 -16.02 7.80
C VAL A 445 -29.07 -14.58 7.40
N ILE A 446 -28.05 -13.97 8.02
CA ILE A 446 -27.51 -12.67 7.61
C ILE A 446 -26.03 -12.81 7.22
N ILE A 447 -25.67 -12.31 6.03
CA ILE A 447 -24.26 -12.29 5.50
C ILE A 447 -23.84 -10.83 5.20
N ASP A 448 -22.77 -10.39 5.86
CA ASP A 448 -22.30 -8.97 5.81
C ASP A 448 -21.05 -8.76 4.99
N GLY A 449 -21.18 -7.97 3.93
CA GLY A 449 -20.06 -7.70 3.03
C GLY A 449 -19.37 -6.39 3.33
N ARG A 450 -19.99 -5.60 4.19
CA ARG A 450 -19.57 -4.24 4.44
C ARG A 450 -19.36 -3.85 5.92
N ASN A 451 -19.21 -4.80 6.83
CA ASN A 451 -18.89 -4.47 8.22
C ASN A 451 -19.88 -3.46 8.83
N VAL A 452 -21.18 -3.57 8.55
CA VAL A 452 -22.19 -2.74 9.22
C VAL A 452 -23.03 -3.46 10.28
N ILE A 453 -23.01 -4.78 10.30
CA ILE A 453 -23.84 -5.58 11.21
C ILE A 453 -23.01 -6.01 12.41
N GLU A 454 -23.52 -5.71 13.59
CA GLU A 454 -22.89 -6.13 14.82
C GLU A 454 -23.30 -7.58 15.07
N PRO A 455 -22.32 -8.50 15.02
CA PRO A 455 -22.57 -9.95 15.11
C PRO A 455 -23.36 -10.38 16.35
N ASP A 456 -22.99 -9.91 17.54
CA ASP A 456 -23.57 -10.51 18.74
C ASP A 456 -25.05 -10.21 18.90
N GLU A 457 -25.45 -9.01 18.50
CA GLU A 457 -26.85 -8.61 18.44
C GLU A 457 -27.68 -9.66 17.66
N PHE A 458 -27.18 -10.04 16.48
CA PHE A 458 -27.89 -10.90 15.58
C PHE A 458 -27.77 -12.38 15.90
N ILE A 459 -26.58 -12.79 16.35
CA ILE A 459 -26.37 -14.17 16.82
C ILE A 459 -27.28 -14.46 18.04
N GLY A 460 -27.34 -13.54 18.99
CA GLY A 460 -28.13 -13.75 20.22
C GLY A 460 -29.62 -13.86 19.98
N LYS A 461 -30.02 -13.51 18.76
CA LYS A 461 -31.41 -13.37 18.37
C LYS A 461 -31.77 -14.50 17.39
N GLY A 462 -30.91 -15.52 17.33
CA GLY A 462 -31.16 -16.71 16.54
C GLY A 462 -30.55 -16.79 15.14
N PHE A 463 -29.98 -15.69 14.66
CA PHE A 463 -29.48 -15.64 13.28
C PHE A 463 -28.32 -16.55 13.06
N VAL A 464 -28.06 -16.85 11.79
CA VAL A 464 -26.82 -17.46 11.42
C VAL A 464 -26.02 -16.43 10.66
N TYR A 465 -24.81 -16.12 11.16
CA TYR A 465 -24.04 -14.93 10.71
C TYR A 465 -22.78 -15.25 9.98
N LYS A 466 -22.47 -14.45 8.98
CA LYS A 466 -21.19 -14.46 8.26
C LYS A 466 -20.87 -13.03 7.88
N GLY A 467 -19.59 -12.68 7.97
CA GLY A 467 -19.13 -11.38 7.51
C GLY A 467 -17.78 -11.59 6.87
N ILE A 468 -17.43 -10.75 5.90
CA ILE A 468 -16.08 -10.80 5.36
C ILE A 468 -14.99 -10.75 6.46
N GLY A 469 -14.06 -11.69 6.34
CA GLY A 469 -12.98 -11.88 7.29
C GLY A 469 -13.34 -11.94 8.75
N ARG A 470 -14.57 -12.36 9.07
CA ARG A 470 -14.96 -12.47 10.48
C ARG A 470 -14.58 -13.74 11.24
N GLU A 471 -13.79 -13.54 12.31
CA GLU A 471 -13.11 -14.62 13.11
C GLU A 471 -13.36 -15.93 12.41
N GLY A 472 -13.89 -16.89 13.16
CA GLY A 472 -14.26 -16.61 14.58
C GLY A 472 -15.55 -15.84 15.02
N HIS A 473 -16.32 -15.29 14.08
CA HIS A 473 -17.75 -15.22 14.32
C HIS A 473 -18.52 -16.25 13.47
N HIS A 474 -17.91 -16.68 12.38
CA HIS A 474 -18.58 -17.59 11.43
C HIS A 474 -18.80 -19.01 11.79
N HIS A 475 -18.26 -19.43 12.91
CA HIS A 475 -18.42 -20.79 13.37
C HIS A 475 -19.12 -20.73 14.71
N HIS A 476 -19.76 -19.58 14.97
CA HIS A 476 -20.61 -19.36 16.14
C HIS A 476 -21.65 -20.47 16.31
N HIS A 477 -21.80 -20.91 17.55
CA HIS A 477 -22.90 -21.77 17.85
C HIS A 477 -24.14 -20.91 17.68
N HIS A 478 -25.22 -21.48 17.19
CA HIS A 478 -26.42 -20.66 17.16
C HIS A 478 -27.57 -21.15 17.97
N SER B 4 -22.40 -16.87 35.50
CA SER B 4 -21.42 -17.67 36.28
C SER B 4 -19.97 -17.41 35.84
N MET B 5 -19.04 -17.53 36.78
CA MET B 5 -17.62 -17.41 36.46
C MET B 5 -17.01 -18.76 36.10
N SER B 6 -16.21 -18.77 35.04
CA SER B 6 -15.37 -19.90 34.68
C SER B 6 -14.21 -20.06 35.67
N LYS B 7 -13.59 -21.23 35.63
CA LYS B 7 -12.48 -21.61 36.51
C LYS B 7 -11.24 -20.68 36.48
N LEU B 8 -10.84 -20.23 35.29
CA LEU B 8 -9.70 -19.31 35.21
C LEU B 8 -9.97 -17.94 35.88
N GLU B 9 -11.14 -17.39 35.59
CA GLU B 9 -11.57 -16.11 36.14
C GLU B 9 -11.58 -16.12 37.67
N LYS B 10 -12.15 -17.16 38.28
CA LYS B 10 -12.09 -17.34 39.74
C LYS B 10 -10.66 -17.21 40.25
N LEU B 11 -9.80 -18.12 39.75
CA LEU B 11 -8.41 -18.15 40.15
C LEU B 11 -7.70 -16.82 40.03
N LEU B 12 -8.01 -16.07 38.96
CA LEU B 12 -7.34 -14.80 38.64
C LEU B 12 -7.81 -13.67 39.54
N LYS B 13 -9.10 -13.64 39.82
CA LYS B 13 -9.57 -12.63 40.75
C LYS B 13 -9.15 -12.99 42.16
N GLU B 14 -9.02 -14.28 42.40
CA GLU B 14 -8.45 -14.77 43.63
C GLU B 14 -6.96 -14.46 43.81
N ARG B 15 -6.22 -14.23 42.71
CA ARG B 15 -4.81 -13.82 42.84
C ARG B 15 -4.67 -12.36 43.23
N GLY B 16 -5.68 -11.57 42.89
CA GLY B 16 -5.61 -10.13 43.06
C GLY B 16 -4.91 -9.56 41.84
N PRO B 17 -4.12 -8.47 42.02
CA PRO B 17 -3.41 -8.01 40.85
C PRO B 17 -2.02 -8.67 40.69
N ILE B 18 -1.39 -8.38 39.56
CA ILE B 18 -0.05 -8.85 39.26
C ILE B 18 0.94 -8.07 40.12
N LYS B 19 1.73 -8.77 40.92
CA LYS B 19 2.70 -8.11 41.77
C LYS B 19 4.09 -8.57 41.41
N LYS B 20 4.17 -9.84 41.00
CA LYS B 20 5.43 -10.52 40.78
C LYS B 20 5.55 -10.98 39.34
N ILE B 21 6.53 -10.40 38.64
CA ILE B 21 6.74 -10.66 37.24
C ILE B 21 8.09 -11.31 36.99
N GLY B 22 8.14 -12.18 35.99
CA GLY B 22 9.35 -12.92 35.62
C GLY B 22 9.55 -12.71 34.16
N VAL B 23 10.81 -12.51 33.76
CA VAL B 23 11.19 -12.35 32.35
C VAL B 23 12.33 -13.30 32.01
N LEU B 24 12.08 -14.25 31.14
CA LEU B 24 13.12 -15.17 30.73
C LEU B 24 13.63 -14.58 29.45
N GLY B 25 14.95 -14.44 29.36
CA GLY B 25 15.59 -13.92 28.15
C GLY B 25 16.24 -12.56 28.42
N MET B 26 17.49 -12.63 28.88
CA MET B 26 18.20 -11.45 29.25
C MET B 26 19.06 -10.90 28.08
N GLY B 27 18.37 -10.45 27.04
CA GLY B 27 19.02 -9.94 25.82
C GLY B 27 18.42 -8.60 25.41
N TYR B 28 18.57 -8.27 24.14
CA TYR B 28 18.27 -6.89 23.69
C TYR B 28 16.84 -6.48 24.03
N VAL B 29 15.97 -7.49 24.15
CA VAL B 29 14.54 -7.30 24.33
C VAL B 29 13.99 -7.61 25.72
N GLY B 30 14.53 -8.57 26.44
CA GLY B 30 14.00 -8.90 27.75
C GLY B 30 14.55 -8.05 28.89
N ILE B 31 15.66 -7.37 28.64
CA ILE B 31 16.21 -6.49 29.67
C ILE B 31 15.41 -5.18 29.84
N PRO B 32 15.24 -4.38 28.77
CA PRO B 32 14.29 -3.27 28.87
C PRO B 32 12.93 -3.71 29.38
N ALA B 33 12.38 -4.82 28.89
CA ALA B 33 11.10 -5.28 29.42
C ALA B 33 11.18 -5.47 30.91
N ALA B 34 12.05 -6.37 31.42
CA ALA B 34 12.05 -6.67 32.86
C ALA B 34 12.17 -5.39 33.68
N VAL B 35 12.99 -4.50 33.19
CA VAL B 35 13.39 -3.35 33.95
C VAL B 35 12.31 -2.29 33.92
N LEU B 36 11.69 -2.13 32.77
CA LEU B 36 10.46 -1.35 32.64
C LEU B 36 9.35 -1.89 33.54
N PHE B 37 9.10 -3.19 33.53
CA PHE B 37 8.16 -3.78 34.48
C PHE B 37 8.53 -3.34 35.88
N ALA B 38 9.81 -3.51 36.23
CA ALA B 38 10.23 -3.23 37.61
C ALA B 38 10.13 -1.75 37.96
N ASP B 39 10.40 -0.88 36.98
CA ASP B 39 10.25 0.56 37.23
C ASP B 39 8.79 1.05 37.47
N ALA B 40 7.82 0.13 37.40
CA ALA B 40 6.41 0.46 37.59
C ALA B 40 6.01 0.41 39.06
N PRO B 41 5.39 1.50 39.54
CA PRO B 41 4.85 1.67 40.88
C PRO B 41 4.08 0.45 41.41
N CYS B 42 3.30 -0.20 40.55
CA CYS B 42 2.24 -1.16 40.95
C CYS B 42 2.65 -2.63 40.94
N PHE B 43 3.94 -2.86 40.77
CA PHE B 43 4.51 -4.20 40.75
C PHE B 43 5.58 -4.27 41.84
N GLU B 44 5.78 -5.46 42.40
CA GLU B 44 6.66 -5.69 43.55
C GLU B 44 8.12 -5.96 43.15
N LYS B 45 8.40 -7.21 42.78
CA LYS B 45 9.70 -7.67 42.24
C LYS B 45 9.56 -8.12 40.78
N VAL B 46 10.56 -7.88 39.96
CA VAL B 46 10.64 -8.71 38.78
C VAL B 46 11.92 -9.53 38.78
N LEU B 47 11.74 -10.82 38.50
CA LEU B 47 12.82 -11.78 38.30
C LEU B 47 13.11 -11.95 36.81
N GLY B 48 14.35 -11.65 36.43
CA GLY B 48 14.88 -12.02 35.12
C GLY B 48 15.67 -13.31 35.26
N PHE B 49 15.34 -14.29 34.42
CA PHE B 49 15.98 -15.60 34.51
C PHE B 49 17.10 -15.79 33.49
N GLN B 50 18.28 -16.13 34.01
CA GLN B 50 19.44 -16.36 33.15
C GLN B 50 20.26 -17.48 33.74
N ARG B 51 20.41 -18.56 32.97
CA ARG B 51 21.15 -19.77 33.40
C ARG B 51 22.63 -19.44 33.54
N ASN B 52 23.30 -20.07 34.49
CA ASN B 52 24.73 -19.85 34.67
C ASN B 52 25.58 -20.55 33.59
N SER B 53 25.38 -20.12 32.35
CA SER B 53 26.13 -20.59 31.18
C SER B 53 27.54 -20.03 31.23
N LYS B 54 28.50 -20.75 30.67
CA LYS B 54 29.83 -20.15 30.49
C LYS B 54 29.73 -19.02 29.47
N SER B 55 28.77 -19.12 28.54
CA SER B 55 28.51 -18.08 27.54
C SER B 55 27.82 -16.85 28.09
N SER B 56 26.93 -17.06 29.06
CA SER B 56 26.02 -15.98 29.47
C SER B 56 25.91 -15.74 31.00
N GLY B 57 26.61 -16.54 31.79
CA GLY B 57 26.62 -16.42 33.24
C GLY B 57 26.97 -15.04 33.77
N TYR B 58 27.86 -14.36 33.04
CA TYR B 58 28.33 -13.01 33.37
C TYR B 58 27.20 -11.95 33.39
N LYS B 59 26.08 -12.22 32.72
CA LYS B 59 24.90 -11.34 32.75
C LYS B 59 24.31 -11.19 34.16
N ILE B 60 24.23 -12.30 34.90
CA ILE B 60 23.78 -12.31 36.32
C ILE B 60 24.50 -11.28 37.24
N GLU B 61 25.82 -11.26 37.15
CA GLU B 61 26.66 -10.34 37.94
C GLU B 61 26.70 -8.91 37.40
N MET B 62 26.81 -8.74 36.08
CA MET B 62 26.69 -7.44 35.45
C MET B 62 25.34 -6.78 35.77
N LEU B 63 24.25 -7.52 35.55
CA LEU B 63 22.90 -7.04 35.87
C LEU B 63 22.61 -6.87 37.36
N ASN B 64 23.13 -7.76 38.20
CA ASN B 64 22.87 -7.65 39.62
C ASN B 64 23.60 -6.52 40.29
N ARG B 65 24.26 -5.71 39.47
CA ARG B 65 24.99 -4.55 39.94
C ARG B 65 24.61 -3.26 39.19
N GLY B 66 23.60 -3.35 38.31
CA GLY B 66 23.00 -2.20 37.66
C GLY B 66 23.63 -1.86 36.31
N GLU B 67 24.28 -2.85 35.71
CA GLU B 67 24.98 -2.66 34.45
C GLU B 67 24.44 -3.48 33.28
N SER B 68 24.47 -2.89 32.10
CA SER B 68 23.97 -3.52 30.89
C SER B 68 25.05 -4.35 30.24
N PRO B 69 24.77 -5.64 30.00
CA PRO B 69 25.75 -6.57 29.46
C PRO B 69 25.93 -6.44 27.95
N LEU B 70 25.32 -5.42 27.36
CA LEU B 70 25.13 -5.41 25.93
C LEU B 70 25.95 -4.38 25.14
N LYS B 71 25.78 -4.48 23.83
CA LYS B 71 26.33 -3.54 22.88
C LYS B 71 25.15 -2.71 22.36
N GLY B 72 24.97 -1.51 22.92
CA GLY B 72 25.79 -1.00 24.01
C GLY B 72 25.07 0.16 24.65
N GLU B 73 25.51 1.36 24.29
CA GLU B 73 25.12 2.59 24.98
C GLU B 73 23.64 2.74 25.27
N GLU B 74 22.80 2.43 24.27
CA GLU B 74 21.35 2.39 24.42
C GLU B 74 20.84 3.37 25.46
N PRO B 75 20.51 4.61 25.04
CA PRO B 75 20.09 5.73 25.88
C PRO B 75 19.18 5.34 27.03
N GLY B 76 19.53 5.72 28.26
CA GLY B 76 18.67 5.54 29.42
C GLY B 76 18.68 4.13 30.00
N LEU B 77 19.21 3.17 29.26
CA LEU B 77 19.13 1.77 29.68
C LEU B 77 19.95 1.48 30.92
N GLU B 78 21.28 1.57 30.82
CA GLU B 78 22.17 1.36 32.00
C GLU B 78 21.57 2.01 33.24
N GLU B 79 21.17 3.25 33.02
CA GLU B 79 20.64 4.13 34.05
C GLU B 79 19.42 3.51 34.71
N LEU B 80 18.45 3.10 33.89
CA LEU B 80 17.24 2.45 34.38
C LEU B 80 17.47 1.19 35.22
N ILE B 81 18.31 0.29 34.74
CA ILE B 81 18.68 -0.93 35.44
C ILE B 81 19.22 -0.55 36.81
N GLY B 82 20.12 0.43 36.80
CA GLY B 82 20.61 0.96 38.07
C GLY B 82 19.47 1.39 38.97
N LYS B 83 18.58 2.24 38.44
CA LYS B 83 17.46 2.74 39.22
C LYS B 83 16.85 1.53 39.93
N VAL B 84 16.56 0.46 39.18
CA VAL B 84 15.74 -0.67 39.68
C VAL B 84 16.46 -1.72 40.53
N VAL B 85 17.73 -1.95 40.24
CA VAL B 85 18.54 -2.89 41.03
C VAL B 85 18.61 -2.44 42.48
N LYS B 86 18.79 -1.13 42.65
CA LYS B 86 18.92 -0.51 43.97
C LYS B 86 17.68 -0.66 44.88
N ALA B 87 16.49 -0.77 44.28
CA ALA B 87 15.24 -0.70 45.04
C ALA B 87 14.73 -2.07 45.48
N GLY B 88 15.44 -3.10 45.08
CA GLY B 88 15.07 -4.47 45.38
C GLY B 88 13.97 -4.95 44.45
N LYS B 89 13.75 -4.20 43.37
CA LYS B 89 12.64 -4.53 42.47
C LYS B 89 13.09 -5.26 41.20
N PHE B 90 14.41 -5.41 41.04
CA PHE B 90 14.97 -6.26 39.99
C PHE B 90 16.12 -7.16 40.47
N GLU B 91 16.09 -8.40 40.04
CA GLU B 91 17.11 -9.39 40.34
C GLU B 91 17.24 -10.33 39.15
N CYS B 92 18.48 -10.66 38.78
CA CYS B 92 18.79 -11.67 37.76
C CYS B 92 19.13 -13.00 38.44
N THR B 93 18.42 -14.08 38.06
CA THR B 93 18.62 -15.40 38.66
C THR B 93 18.65 -16.56 37.66
N PRO B 94 19.49 -17.61 37.93
CA PRO B 94 19.51 -18.89 37.22
C PRO B 94 18.61 -19.93 37.89
N ASP B 95 18.09 -19.60 39.07
CA ASP B 95 17.19 -20.48 39.79
C ASP B 95 15.78 -20.44 39.15
N PHE B 96 15.58 -21.27 38.12
CA PHE B 96 14.34 -21.29 37.34
C PHE B 96 13.12 -21.83 38.06
N SER B 97 13.32 -22.53 39.18
CA SER B 97 12.21 -23.03 39.99
C SER B 97 11.45 -21.90 40.66
N ARG B 98 12.09 -20.74 40.77
CA ARG B 98 11.40 -19.53 41.10
C ARG B 98 10.71 -19.34 39.76
N ILE B 99 9.57 -18.68 39.72
CA ILE B 99 8.61 -18.83 38.61
C ILE B 99 7.39 -19.42 39.28
N SER B 100 7.59 -20.41 40.14
CA SER B 100 6.49 -20.92 40.92
C SER B 100 5.95 -19.86 41.91
N GLU B 101 6.65 -18.74 41.99
CA GLU B 101 6.33 -17.71 42.96
C GLU B 101 5.73 -16.48 42.28
N LEU B 102 5.66 -16.53 40.95
CA LEU B 102 5.24 -15.38 40.16
C LEU B 102 3.75 -15.31 39.83
N ASP B 103 3.23 -14.12 39.58
CA ASP B 103 1.85 -13.95 39.08
C ASP B 103 1.84 -14.02 37.55
N ALA B 104 2.81 -13.35 36.95
CA ALA B 104 2.97 -13.37 35.51
C ALA B 104 4.39 -13.78 35.14
N VAL B 105 4.52 -14.63 34.11
CA VAL B 105 5.80 -14.96 33.52
C VAL B 105 5.78 -14.60 32.02
N THR B 106 6.86 -13.96 31.59
CA THR B 106 7.03 -13.56 30.21
C THR B 106 8.26 -14.26 29.59
N LEU B 107 8.16 -14.63 28.31
CA LEU B 107 9.27 -15.22 27.58
C LEU B 107 9.65 -14.31 26.47
N ALA B 108 10.82 -13.68 26.61
CA ALA B 108 11.41 -12.85 25.58
C ALA B 108 12.75 -13.41 25.08
N ILE B 109 12.78 -14.66 24.65
CA ILE B 109 14.04 -15.27 24.27
C ILE B 109 14.34 -15.05 22.78
N GLN B 110 15.59 -14.69 22.49
CA GLN B 110 16.00 -14.41 21.12
C GLN B 110 15.75 -15.64 20.24
N THR B 111 15.41 -15.38 18.98
CA THR B 111 15.01 -16.44 18.09
C THR B 111 15.85 -16.50 16.79
N PRO B 112 17.13 -16.94 16.93
CA PRO B 112 18.32 -16.76 16.10
C PRO B 112 18.25 -16.86 14.57
N PHE B 113 17.99 -18.04 14.00
CA PHE B 113 18.32 -18.35 12.59
C PHE B 113 19.74 -18.95 12.47
N ALA B 114 19.82 -20.17 11.93
CA ALA B 114 21.09 -20.90 11.79
C ALA B 114 22.03 -20.21 10.79
N ASN B 115 21.74 -20.39 9.50
CA ASN B 115 22.34 -19.57 8.46
C ASN B 115 21.31 -18.51 8.11
N PRO B 116 21.66 -17.47 7.32
CA PRO B 116 20.48 -16.75 6.85
C PRO B 116 19.56 -17.78 6.16
N LYS B 117 19.51 -18.94 6.82
CA LYS B 117 18.89 -20.20 6.38
C LYS B 117 17.42 -20.02 6.12
N ASP B 118 17.13 -19.44 4.97
CA ASP B 118 15.78 -19.36 4.49
C ASP B 118 14.85 -19.05 5.71
N LEU B 119 13.70 -19.75 5.82
CA LEU B 119 12.58 -19.29 6.65
C LEU B 119 12.57 -19.54 8.13
N GLU B 120 12.90 -20.76 8.56
CA GLU B 120 12.63 -21.12 9.93
C GLU B 120 13.73 -20.70 10.89
N PRO B 121 13.42 -19.77 11.81
CA PRO B 121 14.46 -19.49 12.80
C PRO B 121 14.72 -20.72 13.68
N ASP B 122 15.77 -20.68 14.47
CA ASP B 122 15.93 -21.73 15.43
C ASP B 122 15.24 -21.34 16.75
N PHE B 123 14.36 -22.22 17.24
CA PHE B 123 13.59 -22.01 18.47
C PHE B 123 14.08 -22.76 19.72
N SER B 124 15.24 -23.40 19.66
CA SER B 124 15.58 -24.30 20.74
C SER B 124 15.65 -23.49 22.00
N ALA B 125 16.33 -22.36 21.96
CA ALA B 125 16.44 -21.51 23.16
C ALA B 125 15.04 -21.17 23.74
N LEU B 126 14.07 -20.87 22.86
CA LEU B 126 12.72 -20.52 23.25
C LEU B 126 11.98 -21.69 23.86
N ILE B 127 11.98 -22.81 23.12
CA ILE B 127 11.29 -23.99 23.64
C ILE B 127 11.83 -24.37 25.03
N ASP B 128 13.13 -24.23 25.24
CA ASP B 128 13.72 -24.37 26.58
C ASP B 128 13.04 -23.52 27.64
N GLY B 129 12.90 -22.23 27.32
CA GLY B 129 12.28 -21.28 28.20
C GLY B 129 10.89 -21.75 28.57
N ILE B 130 10.14 -22.22 27.57
CA ILE B 130 8.76 -22.70 27.75
C ILE B 130 8.67 -23.97 28.57
N ARG B 131 9.59 -24.90 28.36
CA ARG B 131 9.61 -26.11 29.19
C ARG B 131 9.77 -25.70 30.62
N ASN B 132 10.77 -24.86 30.90
CA ASN B 132 11.04 -24.36 32.25
C ASN B 132 9.86 -23.69 32.89
N VAL B 133 9.17 -22.84 32.11
CA VAL B 133 7.93 -22.24 32.56
C VAL B 133 6.97 -23.34 32.91
N GLY B 134 6.71 -24.28 31.99
CA GLY B 134 5.79 -25.42 32.26
C GLY B 134 6.19 -26.25 33.49
N LYS B 135 7.47 -26.58 33.61
CA LYS B 135 8.00 -27.34 34.78
C LYS B 135 7.55 -26.70 36.09
N TYR B 136 7.61 -25.37 36.16
CA TYR B 136 7.40 -24.71 37.43
C TYR B 136 6.08 -23.95 37.48
N LEU B 137 5.27 -24.10 36.41
CA LEU B 137 4.02 -23.36 36.28
C LEU B 137 2.98 -23.81 37.31
N LYS B 138 2.25 -22.82 37.83
CA LYS B 138 1.27 -23.00 38.90
C LYS B 138 -0.06 -22.43 38.43
N PRO B 139 -1.17 -22.87 39.05
CA PRO B 139 -2.51 -22.45 38.64
C PRO B 139 -2.73 -20.98 38.99
N GLY B 140 -3.32 -20.24 38.06
CA GLY B 140 -3.55 -18.81 38.23
C GLY B 140 -2.40 -17.97 37.67
N MET B 141 -1.40 -18.62 37.09
CA MET B 141 -0.33 -17.83 36.49
C MET B 141 -0.71 -17.31 35.12
N LEU B 142 -0.13 -16.17 34.77
CA LEU B 142 -0.22 -15.61 33.45
C LEU B 142 1.11 -15.84 32.76
N VAL B 143 1.07 -16.52 31.61
CA VAL B 143 2.21 -16.70 30.71
C VAL B 143 2.07 -15.96 29.38
N VAL B 144 3.00 -15.05 29.13
CA VAL B 144 2.98 -14.29 27.87
C VAL B 144 4.20 -14.64 27.04
N LEU B 145 4.01 -15.13 25.83
CA LEU B 145 5.15 -15.28 24.94
C LEU B 145 5.39 -13.95 24.26
N GLU B 146 6.56 -13.37 24.50
CA GLU B 146 6.93 -12.11 23.85
C GLU B 146 7.88 -12.31 22.67
N SER B 147 8.43 -13.49 22.47
CA SER B 147 9.31 -13.72 21.30
C SER B 147 8.51 -13.69 20.01
N THR B 148 9.15 -13.34 18.92
CA THR B 148 8.59 -13.55 17.60
C THR B 148 8.28 -15.03 17.43
N ILE B 149 7.05 -15.35 17.04
CA ILE B 149 6.69 -16.75 16.78
C ILE B 149 5.75 -16.77 15.61
N THR B 150 5.68 -17.93 14.93
CA THR B 150 4.91 -18.14 13.71
C THR B 150 3.47 -18.37 14.08
N PRO B 151 2.52 -17.74 13.34
CA PRO B 151 1.10 -17.80 13.72
C PRO B 151 0.70 -19.21 14.12
N GLY B 152 -0.11 -19.33 15.16
CA GLY B 152 -0.50 -20.65 15.66
C GLY B 152 0.41 -21.30 16.71
N THR B 153 1.52 -20.64 17.08
CA THR B 153 2.45 -21.22 18.05
C THR B 153 1.85 -21.18 19.46
N THR B 154 1.25 -20.05 19.83
CA THR B 154 0.64 -19.92 21.14
C THR B 154 -0.39 -21.05 21.36
N GLU B 155 -1.42 -21.11 20.51
CA GLU B 155 -2.45 -22.17 20.57
C GLU B 155 -1.91 -23.57 20.22
N GLY B 156 -0.76 -23.65 19.58
CA GLY B 156 -0.18 -24.94 19.21
C GLY B 156 0.92 -25.31 20.19
N MET B 157 2.10 -25.57 19.67
CA MET B 157 3.20 -26.15 20.46
C MET B 157 3.41 -25.55 21.83
N ALA B 158 3.36 -24.22 21.90
CA ALA B 158 3.62 -23.49 23.12
C ALA B 158 2.65 -23.99 24.19
N LYS B 159 1.37 -24.02 23.88
CA LYS B 159 0.36 -24.64 24.71
C LYS B 159 0.64 -26.13 24.99
N GLN B 160 0.99 -26.90 23.97
CA GLN B 160 1.20 -28.36 24.16
C GLN B 160 2.37 -28.74 25.10
N ILE B 161 3.43 -27.94 25.13
CA ILE B 161 4.58 -28.23 25.99
C ILE B 161 4.36 -27.69 27.41
N LEU B 162 3.78 -26.51 27.46
CA LEU B 162 3.37 -25.90 28.69
C LEU B 162 2.40 -26.83 29.44
N GLU B 163 1.48 -27.46 28.71
CA GLU B 163 0.57 -28.45 29.31
C GLU B 163 1.21 -29.83 29.55
N GLU B 164 2.12 -30.26 28.66
CA GLU B 164 2.97 -31.44 28.90
C GLU B 164 3.72 -31.33 30.23
N GLU B 165 4.35 -30.18 30.47
CA GLU B 165 5.19 -30.05 31.64
C GLU B 165 4.49 -29.93 32.99
N SER B 166 3.27 -29.38 33.01
CA SER B 166 2.61 -28.97 34.27
C SER B 166 1.45 -29.86 34.70
N GLY B 167 0.82 -30.54 33.74
CA GLY B 167 -0.43 -31.24 33.99
C GLY B 167 -1.60 -30.27 34.15
N LEU B 168 -1.42 -29.00 33.77
CA LEU B 168 -2.49 -28.02 33.90
C LEU B 168 -3.01 -27.62 32.54
N LYS B 169 -4.17 -27.01 32.46
CA LYS B 169 -4.75 -26.68 31.17
C LYS B 169 -4.79 -25.20 30.96
N ALA B 170 -4.24 -24.75 29.84
CA ALA B 170 -4.35 -23.36 29.42
C ALA B 170 -5.81 -22.92 29.34
N GLY B 171 -6.13 -21.74 29.87
CA GLY B 171 -7.51 -21.26 29.80
C GLY B 171 -8.43 -21.93 30.81
N GLU B 172 -7.83 -22.60 31.80
CA GLU B 172 -8.55 -23.21 32.94
C GLU B 172 -7.75 -22.96 34.21
N ASP B 173 -6.56 -23.57 34.28
CA ASP B 173 -5.67 -23.38 35.42
C ASP B 173 -4.82 -22.15 35.23
N PHE B 174 -4.50 -21.80 33.98
CA PHE B 174 -3.68 -20.64 33.69
C PHE B 174 -4.05 -19.84 32.43
N ALA B 175 -3.62 -18.58 32.41
CA ALA B 175 -3.76 -17.68 31.25
C ALA B 175 -2.52 -17.77 30.33
N LEU B 176 -2.74 -17.65 29.01
CA LEU B 176 -1.69 -17.67 27.96
C LEU B 176 -2.03 -16.58 26.95
N ALA B 177 -1.02 -15.76 26.68
CA ALA B 177 -1.14 -14.76 25.69
C ALA B 177 0.20 -14.57 24.96
N HIS B 178 0.09 -13.77 23.92
CA HIS B 178 1.22 -13.45 23.14
C HIS B 178 1.22 -11.95 23.08
N ALA B 179 2.39 -11.36 23.30
CA ALA B 179 2.53 -9.91 23.14
C ALA B 179 3.82 -9.60 22.37
N PRO B 180 3.73 -9.59 21.03
CA PRO B 180 4.87 -9.29 20.22
C PRO B 180 5.46 -7.88 20.50
N GLU B 181 6.78 -7.84 20.54
CA GLU B 181 7.49 -6.62 20.85
C GLU B 181 8.11 -6.04 19.56
N ARG B 182 7.44 -5.07 18.96
CA ARG B 182 8.00 -4.33 17.83
C ARG B 182 8.99 -3.31 18.35
N VAL B 183 10.29 -3.55 18.14
CA VAL B 183 11.35 -2.76 18.81
C VAL B 183 12.69 -2.63 18.03
N MET B 184 13.30 -1.45 18.11
CA MET B 184 14.59 -1.10 17.46
C MET B 184 15.63 -0.77 18.54
N VAL B 185 16.78 -1.44 18.46
CA VAL B 185 17.95 -1.07 19.26
C VAL B 185 18.39 0.38 19.01
N GLY B 186 18.67 1.10 20.09
CA GLY B 186 18.93 2.53 20.00
C GLY B 186 17.80 3.37 20.55
N ARG B 187 16.57 2.91 20.32
CA ARG B 187 15.37 3.62 20.73
C ARG B 187 14.51 2.72 21.64
N LEU B 188 15.17 1.77 22.30
CA LEU B 188 14.51 0.67 23.00
C LEU B 188 13.42 1.11 24.00
N LEU B 189 13.86 1.69 25.12
CA LEU B 189 13.00 2.08 26.21
C LEU B 189 11.79 2.84 25.74
N LYS B 190 11.99 3.89 24.95
CA LYS B 190 10.86 4.73 24.58
C LYS B 190 9.97 4.20 23.42
N ASN B 191 10.54 3.41 22.51
CA ASN B 191 9.67 2.71 21.56
C ASN B 191 8.66 1.86 22.31
N ILE B 192 9.12 1.17 23.35
CA ILE B 192 8.24 0.41 24.20
C ILE B 192 7.19 1.40 24.73
N ARG B 193 7.68 2.40 25.46
CA ARG B 193 6.85 3.38 26.12
C ARG B 193 5.82 4.05 25.23
N GLU B 194 6.26 4.34 24.00
CA GLU B 194 5.59 5.33 23.17
C GLU B 194 4.70 4.78 22.07
N HIS B 195 4.89 3.54 21.67
CA HIS B 195 3.91 3.04 20.73
C HIS B 195 2.98 1.94 21.22
N ASP B 196 1.94 1.68 20.45
CA ASP B 196 0.90 0.79 20.87
C ASP B 196 1.48 -0.61 20.98
N ARG B 197 1.07 -1.34 22.00
CA ARG B 197 1.40 -2.76 22.20
C ARG B 197 0.20 -3.67 21.85
N ILE B 198 0.41 -4.59 20.91
CA ILE B 198 -0.55 -5.66 20.60
C ILE B 198 -0.46 -6.80 21.63
N VAL B 199 -1.63 -7.17 22.17
CA VAL B 199 -1.74 -8.15 23.26
C VAL B 199 -2.93 -9.06 22.98
N GLY B 200 -2.64 -10.35 22.79
CA GLY B 200 -3.67 -11.33 22.53
C GLY B 200 -3.62 -12.59 23.38
N GLY B 201 -4.66 -12.82 24.18
CA GLY B 201 -4.75 -14.07 24.93
C GLY B 201 -5.52 -15.10 24.13
N ILE B 202 -5.43 -16.36 24.54
CA ILE B 202 -6.19 -17.49 24.00
C ILE B 202 -7.69 -17.40 24.35
N ASP B 203 -8.01 -16.57 25.34
CA ASP B 203 -9.39 -16.23 25.68
C ASP B 203 -9.47 -14.84 26.28
N GLU B 204 -10.69 -14.30 26.42
CA GLU B 204 -10.89 -12.99 27.07
C GLU B 204 -10.21 -12.86 28.43
N ALA B 205 -10.33 -13.90 29.28
CA ALA B 205 -9.69 -13.90 30.61
C ALA B 205 -8.19 -13.70 30.51
N SER B 206 -7.53 -14.46 29.63
CA SER B 206 -6.11 -14.25 29.36
C SER B 206 -5.73 -12.90 28.73
N THR B 207 -6.60 -12.32 27.90
CA THR B 207 -6.19 -11.05 27.28
C THR B 207 -6.32 -9.90 28.22
N LYS B 208 -7.34 -9.90 29.07
CA LYS B 208 -7.41 -8.89 30.14
C LYS B 208 -6.28 -9.05 31.18
N ARG B 209 -5.91 -10.29 31.49
CA ARG B 209 -4.88 -10.48 32.46
C ARG B 209 -3.60 -9.87 31.87
N ALA B 210 -3.40 -10.01 30.56
CA ALA B 210 -2.25 -9.39 29.90
C ALA B 210 -2.34 -7.86 29.78
N VAL B 211 -3.51 -7.33 29.36
CA VAL B 211 -3.71 -5.87 29.29
C VAL B 211 -3.19 -5.26 30.58
N GLU B 212 -3.46 -5.94 31.71
CA GLU B 212 -3.01 -5.55 33.04
C GLU B 212 -1.50 -5.58 33.19
N LEU B 213 -0.84 -6.52 32.53
CA LEU B 213 0.60 -6.57 32.54
C LEU B 213 1.26 -5.35 31.85
N TYR B 214 0.76 -5.04 30.65
CA TYR B 214 1.44 -4.12 29.74
C TYR B 214 1.02 -2.68 29.86
N SER B 215 -0.22 -2.45 30.31
CA SER B 215 -0.75 -1.10 30.53
C SER B 215 0.23 -0.22 31.35
N PRO B 216 0.60 -0.69 32.56
CA PRO B 216 1.46 0.10 33.41
C PRO B 216 2.72 0.65 32.74
N VAL B 217 3.35 -0.08 31.82
CA VAL B 217 4.62 0.44 31.27
C VAL B 217 4.48 1.59 30.26
N LEU B 218 3.25 1.89 29.83
CA LEU B 218 3.05 2.79 28.68
C LEU B 218 2.84 4.26 29.01
N THR B 219 3.57 5.12 28.30
CA THR B 219 3.39 6.57 28.37
C THR B 219 3.14 7.06 26.96
N VAL B 220 1.93 6.93 26.46
CA VAL B 220 1.59 7.42 25.09
C VAL B 220 1.14 6.27 24.23
N GLY B 221 1.73 5.10 24.45
CA GLY B 221 1.24 3.89 23.80
C GLY B 221 -0.02 3.40 24.49
N GLN B 222 -0.86 2.70 23.75
CA GLN B 222 -2.04 2.06 24.31
C GLN B 222 -1.83 0.61 24.03
N VAL B 223 -2.57 -0.25 24.72
CA VAL B 223 -2.56 -1.64 24.44
C VAL B 223 -3.66 -1.88 23.40
N ILE B 224 -3.34 -2.67 22.37
CA ILE B 224 -4.32 -3.13 21.38
C ILE B 224 -4.71 -4.58 21.65
N PRO B 225 -5.83 -4.78 22.37
CA PRO B 225 -6.25 -6.13 22.82
C PRO B 225 -6.90 -6.96 21.71
N MET B 226 -6.53 -8.24 21.60
CA MET B 226 -7.08 -9.18 20.63
C MET B 226 -6.78 -10.69 21.01
N SER B 227 -7.03 -11.63 20.11
CA SER B 227 -6.75 -13.02 20.41
C SER B 227 -5.29 -13.37 20.18
N ALA B 228 -4.84 -14.46 20.75
CA ALA B 228 -3.43 -14.83 20.63
C ALA B 228 -3.04 -15.01 19.16
N THR B 229 -3.77 -15.84 18.44
CA THR B 229 -3.50 -15.98 17.00
C THR B 229 -3.56 -14.62 16.24
N ALA B 230 -4.62 -13.80 16.43
CA ALA B 230 -4.71 -12.48 15.77
C ALA B 230 -3.46 -11.61 16.02
N ALA B 231 -2.87 -11.71 17.21
CA ALA B 231 -1.65 -11.01 17.52
C ALA B 231 -0.48 -11.55 16.71
N GLU B 232 -0.28 -12.88 16.67
CA GLU B 232 0.83 -13.41 15.86
C GLU B 232 0.65 -13.07 14.38
N VAL B 233 -0.57 -13.12 13.87
CA VAL B 233 -0.82 -12.77 12.49
C VAL B 233 -0.56 -11.25 12.18
N THR B 234 -0.83 -10.39 13.17
CA THR B 234 -0.56 -8.94 13.07
C THR B 234 0.93 -8.71 12.84
N LYS B 235 1.81 -9.37 13.60
CA LYS B 235 3.24 -9.28 13.31
C LYS B 235 3.55 -9.65 11.87
N THR B 236 3.08 -10.79 11.41
CA THR B 236 3.41 -11.18 10.05
C THR B 236 2.76 -10.21 9.06
N ALA B 237 1.51 -9.83 9.29
CA ALA B 237 0.80 -9.02 8.27
C ALA B 237 1.42 -7.62 8.07
N GLU B 238 1.84 -6.99 9.17
CA GLU B 238 2.51 -5.73 9.04
C GLU B 238 3.73 -5.83 8.11
N ASN B 239 4.49 -6.92 8.18
CA ASN B 239 5.62 -7.04 7.27
C ASN B 239 5.22 -7.44 5.88
N THR B 240 4.23 -8.31 5.78
CA THR B 240 3.78 -8.80 4.49
C THR B 240 3.30 -7.63 3.64
N PHE B 241 2.53 -6.73 4.27
CA PHE B 241 1.98 -5.53 3.60
C PHE B 241 3.05 -4.50 3.18
N ARG B 242 4.03 -4.25 4.06
CA ARG B 242 5.08 -3.37 3.64
C ARG B 242 5.84 -4.01 2.45
N ASP B 243 6.13 -5.29 2.55
CA ASP B 243 6.72 -6.01 1.42
C ASP B 243 5.96 -5.84 0.08
N LEU B 244 4.66 -5.97 0.11
CA LEU B 244 3.87 -5.82 -1.08
C LEU B 244 3.85 -4.38 -1.59
N GLN B 245 3.92 -3.41 -0.68
CA GLN B 245 4.05 -2.02 -1.07
C GLN B 245 5.38 -1.85 -1.88
N ILE B 246 6.49 -2.36 -1.33
CA ILE B 246 7.75 -2.29 -2.01
C ILE B 246 7.66 -2.98 -3.39
N ALA B 247 7.09 -4.16 -3.42
CA ALA B 247 6.99 -4.90 -4.68
C ALA B 247 6.07 -4.14 -5.66
N ALA B 248 5.02 -3.48 -5.17
CA ALA B 248 4.19 -2.62 -6.06
C ALA B 248 5.00 -1.56 -6.83
N ILE B 249 5.96 -0.88 -6.14
CA ILE B 249 6.74 0.20 -6.85
C ILE B 249 7.88 -0.34 -7.63
N ASN B 250 8.53 -1.38 -7.11
CA ASN B 250 9.51 -2.12 -7.90
C ASN B 250 8.87 -2.52 -9.20
N GLN B 251 7.67 -3.04 -9.16
CA GLN B 251 7.04 -3.38 -10.44
C GLN B 251 6.70 -2.16 -11.29
N LEU B 252 6.34 -1.05 -10.65
CA LEU B 252 6.06 0.18 -11.41
C LEU B 252 7.38 0.64 -12.08
N ALA B 253 8.46 0.60 -11.29
CA ALA B 253 9.80 0.82 -11.82
C ALA B 253 10.05 0.01 -13.06
N LEU B 254 9.75 -1.28 -13.06
CA LEU B 254 10.07 -2.08 -14.25
C LEU B 254 9.20 -1.62 -15.41
N TYR B 255 7.94 -1.38 -15.15
CA TYR B 255 6.98 -0.94 -16.18
C TYR B 255 7.37 0.38 -16.79
N CYS B 256 8.00 1.24 -15.97
CA CYS B 256 8.35 2.57 -16.42
C CYS B 256 9.59 2.53 -17.32
N GLU B 257 10.58 1.74 -16.94
CA GLU B 257 11.74 1.45 -17.81
C GLU B 257 11.30 1.00 -19.19
N ALA B 258 10.43 0.01 -19.29
CA ALA B 258 10.00 -0.46 -20.62
C ALA B 258 9.26 0.63 -21.37
N MET B 259 8.58 1.53 -20.67
CA MET B 259 7.86 2.66 -21.33
C MET B 259 8.73 3.91 -21.54
N GLY B 260 9.93 3.92 -20.99
CA GLY B 260 10.85 5.04 -21.16
C GLY B 260 10.45 6.29 -20.37
N ILE B 261 9.79 6.10 -19.24
CA ILE B 261 9.39 7.22 -18.38
C ILE B 261 10.02 7.15 -16.97
N ASN B 262 10.08 8.26 -16.23
CA ASN B 262 10.69 8.31 -14.89
C ASN B 262 9.73 7.84 -13.82
N VAL B 263 10.06 6.73 -13.13
CA VAL B 263 9.15 6.21 -12.07
C VAL B 263 8.93 7.23 -10.97
N TYR B 264 9.91 8.12 -10.76
CA TYR B 264 9.85 9.07 -9.63
C TYR B 264 8.83 10.12 -9.86
N ASP B 265 8.62 10.52 -11.11
CA ASP B 265 7.58 11.48 -11.43
C ASP B 265 6.18 10.87 -11.33
N VAL B 266 6.02 9.62 -11.75
CA VAL B 266 4.76 8.89 -11.60
C VAL B 266 4.45 8.65 -10.13
N ARG B 267 5.49 8.25 -9.42
CA ARG B 267 5.43 8.10 -7.97
C ARG B 267 4.98 9.43 -7.31
N THR B 268 5.66 10.53 -7.64
CA THR B 268 5.26 11.78 -6.97
C THR B 268 3.84 12.26 -7.37
N GLY B 269 3.38 11.97 -8.58
CA GLY B 269 2.00 12.22 -8.96
C GLY B 269 1.03 11.37 -8.13
N VAL B 270 1.39 10.10 -7.96
CA VAL B 270 0.53 9.24 -7.18
C VAL B 270 0.46 9.74 -5.77
N ASP B 271 1.64 10.07 -5.23
CA ASP B 271 1.83 10.54 -3.85
C ASP B 271 1.11 11.83 -3.50
N SER B 272 0.62 12.58 -4.50
CA SER B 272 -0.08 13.88 -4.26
C SER B 272 -1.49 13.66 -3.69
N LEU B 273 -1.97 12.41 -3.78
CA LEU B 273 -3.21 11.99 -3.12
C LEU B 273 -3.00 11.68 -1.62
N LYS B 274 -3.44 12.63 -0.79
CA LYS B 274 -3.18 12.60 0.66
C LYS B 274 -4.45 12.25 1.39
N GLY B 275 -4.29 11.63 2.57
CA GLY B 275 -5.38 11.53 3.52
C GLY B 275 -5.64 10.15 4.05
N GLU B 276 -6.04 10.07 5.32
CA GLU B 276 -6.40 8.84 6.00
C GLU B 276 -7.44 8.11 5.17
N GLY B 277 -7.14 6.85 4.87
CA GLY B 277 -7.95 6.04 3.94
C GLY B 277 -7.93 6.44 2.46
N ILE B 278 -7.10 7.44 2.12
CA ILE B 278 -6.95 7.93 0.73
C ILE B 278 -5.55 7.81 0.09
N THR B 279 -4.48 8.03 0.88
CA THR B 279 -3.06 8.14 0.45
C THR B 279 -2.49 7.34 -0.73
N ARG B 280 -2.70 6.02 -0.69
CA ARG B 280 -1.88 5.07 -1.46
C ARG B 280 -0.58 4.64 -0.75
N ALA B 281 0.02 5.55 0.00
CA ALA B 281 1.25 5.32 0.81
C ALA B 281 2.40 4.68 0.04
N VAL B 282 2.75 5.29 -1.10
CA VAL B 282 3.74 4.73 -2.04
C VAL B 282 5.18 4.81 -1.53
N LEU B 283 5.86 3.66 -1.55
CA LEU B 283 7.21 3.51 -0.98
C LEU B 283 8.26 3.81 -2.05
N TRP B 284 9.51 3.47 -1.75
CA TRP B 284 10.58 3.75 -2.69
C TRP B 284 11.07 2.43 -3.35
N PRO B 285 11.32 2.49 -4.67
CA PRO B 285 11.83 1.36 -5.41
C PRO B 285 13.31 1.30 -5.16
N GLY B 286 13.95 0.18 -5.48
CA GLY B 286 15.29 -0.08 -4.95
C GLY B 286 15.82 -1.41 -5.42
N ALA B 287 17.02 -1.76 -4.96
CA ALA B 287 17.72 -2.85 -5.57
C ALA B 287 17.43 -4.16 -4.88
N GLY B 288 16.42 -4.18 -4.02
CA GLY B 288 15.96 -5.39 -3.40
C GLY B 288 15.54 -5.13 -1.96
N VAL B 289 15.20 -6.19 -1.24
CA VAL B 289 14.67 -6.11 0.12
C VAL B 289 15.52 -7.08 0.98
N GLY B 290 16.06 -6.58 2.09
CA GLY B 290 16.87 -7.40 2.99
C GLY B 290 16.15 -7.57 4.31
N GLY B 291 16.79 -8.26 5.26
CA GLY B 291 16.23 -8.53 6.61
C GLY B 291 15.53 -9.89 6.72
N HIS B 292 14.89 -10.14 7.86
CA HIS B 292 14.21 -11.42 8.04
C HIS B 292 12.73 -11.23 7.87
N CYS B 293 12.22 -10.19 8.50
CA CYS B 293 10.81 -9.97 8.52
C CYS B 293 10.30 -9.84 7.08
N LEU B 294 10.77 -8.83 6.37
CA LEU B 294 10.20 -8.49 5.10
C LEU B 294 10.37 -9.62 4.08
N THR B 295 11.37 -10.48 4.30
CA THR B 295 11.65 -11.53 3.33
C THR B 295 11.07 -12.88 3.69
N LYS B 296 10.48 -13.01 4.88
CA LYS B 296 10.04 -14.34 5.33
C LYS B 296 8.63 -14.35 5.84
N ASP B 297 8.15 -13.20 6.33
CA ASP B 297 6.90 -13.20 7.02
C ASP B 297 5.75 -13.59 6.15
N THR B 298 5.80 -13.42 4.82
CA THR B 298 4.63 -13.94 4.11
C THR B 298 4.55 -15.45 4.07
N TYR B 299 5.70 -16.09 4.20
CA TYR B 299 5.74 -17.56 4.12
C TYR B 299 5.20 -18.11 5.39
N HIS B 300 5.47 -17.40 6.50
CA HIS B 300 4.96 -17.81 7.83
C HIS B 300 3.45 -17.62 7.95
N LEU B 301 2.95 -16.52 7.39
CA LEU B 301 1.52 -16.28 7.33
C LEU B 301 0.85 -17.35 6.47
N GLU B 302 1.41 -17.63 5.28
CA GLU B 302 0.89 -18.71 4.47
C GLU B 302 1.02 -20.11 5.15
N ARG B 303 2.14 -20.39 5.84
CA ARG B 303 2.30 -21.69 6.53
C ARG B 303 1.25 -21.77 7.60
N GLY B 304 1.03 -20.64 8.26
CA GLY B 304 0.03 -20.49 9.31
C GLY B 304 -1.39 -20.79 8.86
N VAL B 305 -1.74 -20.39 7.64
CA VAL B 305 -3.04 -20.69 7.08
C VAL B 305 -3.10 -22.20 6.92
N LYS B 306 -2.07 -22.76 6.31
CA LYS B 306 -1.98 -24.21 6.13
C LYS B 306 -2.00 -24.99 7.43
N ILE B 307 -1.13 -24.67 8.38
CA ILE B 307 -1.02 -25.53 9.57
C ILE B 307 -2.33 -25.78 10.31
N GLY B 308 -3.20 -24.76 10.38
CA GLY B 308 -4.44 -24.82 11.15
C GLY B 308 -5.61 -25.41 10.39
N ARG B 309 -5.33 -25.81 9.16
CA ARG B 309 -6.31 -26.45 8.28
C ARG B 309 -7.73 -25.88 8.37
N GLY B 310 -7.88 -24.57 8.56
CA GLY B 310 -9.18 -23.91 8.35
C GLY B 310 -9.52 -23.91 6.86
N GLU B 311 -10.79 -23.74 6.52
CA GLU B 311 -11.19 -23.78 5.12
C GLU B 311 -10.93 -22.44 4.37
N LEU B 312 -10.04 -22.46 3.37
CA LEU B 312 -9.72 -21.28 2.57
C LEU B 312 -10.37 -21.39 1.21
N ASP B 313 -11.19 -20.41 0.83
CA ASP B 313 -11.50 -20.20 -0.59
C ASP B 313 -10.69 -18.98 -1.12
N TYR B 314 -10.13 -19.15 -2.32
CA TYR B 314 -9.26 -18.18 -2.97
C TYR B 314 -9.44 -18.55 -4.43
N PRO B 315 -9.26 -17.59 -5.37
CA PRO B 315 -9.52 -17.78 -6.82
C PRO B 315 -9.29 -19.20 -7.42
N GLU B 316 -8.16 -19.83 -7.09
CA GLU B 316 -7.92 -21.22 -7.49
C GLU B 316 -6.87 -22.00 -6.64
N GLY B 317 -5.76 -22.40 -7.30
CA GLY B 317 -4.61 -23.08 -6.63
C GLY B 317 -3.24 -22.38 -6.77
N ALA B 318 -3.23 -21.24 -7.47
CA ALA B 318 -2.02 -20.47 -7.87
C ALA B 318 -1.13 -19.84 -6.75
N ASP B 319 -0.44 -18.74 -7.10
CA ASP B 319 0.29 -17.92 -6.13
C ASP B 319 -0.56 -16.78 -5.63
N SER B 320 -0.35 -16.41 -4.37
CA SER B 320 -1.01 -15.27 -3.76
C SER B 320 -0.20 -14.00 -4.05
N ILE B 321 -0.86 -12.86 -4.15
CA ILE B 321 -0.13 -11.61 -4.34
C ILE B 321 1.08 -11.46 -3.42
N TYR B 322 1.06 -12.07 -2.24
CA TYR B 322 2.14 -11.85 -1.30
C TYR B 322 3.32 -12.63 -1.83
N VAL B 323 3.09 -13.88 -2.18
CA VAL B 323 4.12 -14.70 -2.81
C VAL B 323 4.66 -14.00 -4.06
N LEU B 324 3.75 -13.40 -4.84
CA LEU B 324 4.16 -12.66 -6.02
C LEU B 324 5.06 -11.48 -5.67
N ALA B 325 4.70 -10.79 -4.60
CA ALA B 325 5.51 -9.72 -4.02
C ALA B 325 6.89 -10.22 -3.61
N ARG B 326 6.94 -11.40 -2.97
CA ARG B 326 8.24 -12.02 -2.65
C ARG B 326 9.09 -12.17 -3.88
N LYS B 327 8.48 -12.63 -4.97
CA LYS B 327 9.25 -12.95 -6.18
C LYS B 327 9.72 -11.75 -6.99
N VAL B 328 8.89 -10.71 -7.06
CA VAL B 328 9.29 -9.43 -7.68
C VAL B 328 10.40 -8.83 -6.83
N ASN B 329 10.16 -8.72 -5.55
CA ASN B 329 11.21 -8.22 -4.68
C ASN B 329 12.49 -9.07 -4.85
N ASP B 330 12.39 -10.39 -4.99
CA ASP B 330 13.61 -11.25 -5.09
C ASP B 330 14.34 -11.06 -6.43
N PHE B 331 13.59 -10.67 -7.46
CA PHE B 331 14.15 -10.46 -8.78
C PHE B 331 14.99 -9.18 -8.92
N MET B 332 14.86 -8.22 -7.99
CA MET B 332 15.44 -6.92 -8.14
C MET B 332 17.00 -6.95 -8.27
N PRO B 333 17.72 -7.84 -7.51
CA PRO B 333 19.16 -8.01 -7.74
C PRO B 333 19.52 -8.49 -9.14
N ALA B 334 18.77 -9.43 -9.70
CA ALA B 334 19.06 -9.91 -11.05
C ALA B 334 18.73 -8.81 -12.03
N HIS B 335 17.73 -7.97 -11.68
CA HIS B 335 17.43 -6.83 -12.54
C HIS B 335 18.55 -5.82 -12.55
N MET B 336 19.15 -5.54 -11.38
CA MET B 336 20.32 -4.67 -11.28
C MET B 336 21.41 -5.21 -12.18
N TYR B 337 21.61 -6.52 -12.14
CA TYR B 337 22.64 -7.16 -12.97
C TYR B 337 22.37 -7.03 -14.47
N ASN B 338 21.12 -7.19 -14.87
CA ASN B 338 20.80 -7.11 -16.30
C ASN B 338 21.10 -5.70 -16.77
N LEU B 339 20.76 -4.72 -15.92
CA LEU B 339 21.10 -3.33 -16.13
C LEU B 339 22.57 -3.14 -16.34
N THR B 340 23.39 -3.80 -15.53
CA THR B 340 24.82 -3.52 -15.62
C THR B 340 25.40 -4.17 -16.86
N VAL B 341 25.04 -5.43 -17.08
CA VAL B 341 25.31 -6.10 -18.37
C VAL B 341 24.82 -5.18 -19.50
N ALA B 342 23.60 -4.66 -19.42
CA ALA B 342 23.15 -3.80 -20.53
C ALA B 342 24.07 -2.62 -20.70
N ALA B 343 24.52 -2.05 -19.59
CA ALA B 343 25.30 -0.81 -19.65
C ALA B 343 26.66 -1.06 -20.29
N LEU B 344 27.29 -2.15 -19.88
CA LEU B 344 28.55 -2.59 -20.49
C LEU B 344 28.36 -2.91 -21.98
N GLU B 345 27.25 -3.54 -22.35
CA GLU B 345 26.96 -3.75 -23.77
C GLU B 345 26.99 -2.49 -24.62
N ARG B 346 26.51 -1.35 -24.10
CA ARG B 346 26.43 -0.13 -24.92
C ARG B 346 27.80 0.31 -25.41
N LEU B 347 28.83 -0.26 -24.78
CA LEU B 347 30.22 0.02 -25.05
C LEU B 347 30.91 -1.19 -25.68
N GLY B 348 30.17 -2.30 -25.76
CA GLY B 348 30.66 -3.64 -26.10
C GLY B 348 31.57 -4.33 -25.09
N LYS B 349 31.18 -4.42 -23.81
CA LYS B 349 32.11 -4.79 -22.73
C LYS B 349 31.86 -6.05 -21.81
N LYS B 350 31.06 -6.98 -22.28
CA LYS B 350 31.05 -8.36 -21.68
C LYS B 350 30.59 -8.55 -20.19
N MET B 351 31.53 -8.38 -19.25
CA MET B 351 31.45 -8.80 -17.80
C MET B 351 32.62 -9.68 -17.45
N ASP B 352 32.73 -10.78 -18.17
CA ASP B 352 33.85 -11.66 -17.93
C ASP B 352 35.10 -10.77 -17.90
N GLY B 353 35.76 -10.74 -16.75
CA GLY B 353 37.01 -9.98 -16.58
C GLY B 353 36.80 -8.47 -16.53
N SER B 354 35.59 -8.05 -16.14
CA SER B 354 35.38 -6.65 -15.79
C SER B 354 35.55 -6.44 -14.30
N LYS B 355 35.97 -5.22 -13.93
CA LYS B 355 35.89 -4.85 -12.54
C LYS B 355 34.55 -4.14 -12.25
N VAL B 356 33.89 -4.62 -11.18
CA VAL B 356 32.69 -4.01 -10.61
C VAL B 356 32.95 -3.47 -9.21
N ALA B 357 32.84 -2.17 -9.08
CA ALA B 357 32.92 -1.55 -7.79
C ALA B 357 31.51 -1.56 -7.21
N MET B 358 31.27 -2.38 -6.20
CA MET B 358 29.95 -2.43 -5.53
C MET B 358 29.91 -1.47 -4.39
N LEU B 359 28.98 -0.54 -4.43
CA LEU B 359 28.84 0.43 -3.34
C LEU B 359 27.60 0.14 -2.50
N GLY B 360 27.85 -0.45 -1.33
CA GLY B 360 26.80 -0.87 -0.43
C GLY B 360 26.75 -2.37 -0.21
N TRP B 361 26.98 -2.81 1.03
CA TRP B 361 26.66 -4.15 1.45
C TRP B 361 25.41 -4.16 2.33
N ALA B 362 25.40 -3.32 3.38
CA ALA B 362 24.19 -3.08 4.13
C ALA B 362 23.11 -2.66 3.12
N PHE B 363 21.85 -2.82 3.50
CA PHE B 363 20.79 -2.43 2.62
C PHE B 363 19.99 -1.26 3.17
N ILE B 364 20.20 -0.96 4.46
CA ILE B 364 19.60 0.23 5.12
C ILE B 364 20.61 1.40 5.19
N LYS B 365 20.22 2.56 4.63
CA LYS B 365 21.08 3.74 4.58
C LYS B 365 21.78 4.01 5.90
N ASP B 366 23.09 4.19 5.82
CA ASP B 366 23.94 4.53 6.96
C ASP B 366 23.81 3.57 8.15
N SER B 367 23.76 2.27 7.86
CA SER B 367 23.51 1.26 8.89
C SER B 367 24.42 0.05 8.69
N ASP B 368 24.55 -0.79 9.71
CA ASP B 368 25.49 -1.92 9.64
C ASP B 368 24.89 -3.33 9.41
N ASP B 369 23.60 -3.46 9.16
CA ASP B 369 23.09 -4.82 8.93
C ASP B 369 23.02 -5.16 7.46
N ALA B 370 23.75 -6.22 7.12
CA ALA B 370 23.74 -6.80 5.81
C ALA B 370 23.03 -8.16 5.88
N ARG B 371 22.12 -8.30 6.83
CA ARG B 371 21.49 -9.62 6.99
C ARG B 371 20.47 -9.90 5.92
N ASN B 372 20.75 -10.92 5.12
CA ASN B 372 19.88 -11.22 4.01
C ASN B 372 19.92 -10.16 2.90
N THR B 373 21.10 -9.55 2.71
CA THR B 373 21.31 -8.43 1.77
C THR B 373 20.99 -8.73 0.33
N PRO B 374 20.28 -7.80 -0.32
CA PRO B 374 20.10 -7.92 -1.76
C PRO B 374 21.44 -7.86 -2.50
N SER B 375 22.48 -7.32 -1.87
CA SER B 375 23.86 -7.20 -2.45
C SER B 375 24.50 -8.57 -2.70
N GLU B 376 24.20 -9.54 -1.83
CA GLU B 376 24.79 -10.85 -2.02
C GLU B 376 24.37 -11.60 -3.29
N PRO B 377 23.04 -11.72 -3.58
CA PRO B 377 22.65 -12.35 -4.87
C PRO B 377 23.23 -11.64 -6.09
N TYR B 378 23.49 -10.34 -5.96
CA TYR B 378 24.10 -9.54 -7.02
C TYR B 378 25.58 -9.84 -7.19
N ARG B 379 26.34 -9.79 -6.10
CA ARG B 379 27.74 -10.22 -6.13
C ARG B 379 27.90 -11.61 -6.80
N ASP B 380 27.02 -12.54 -6.43
CA ASP B 380 27.13 -13.89 -6.95
C ASP B 380 26.98 -13.91 -8.47
N LEU B 381 26.03 -13.15 -9.01
CA LEU B 381 25.86 -13.14 -10.47
C LEU B 381 27.08 -12.57 -11.20
N CYS B 382 27.71 -11.57 -10.62
CA CYS B 382 28.88 -10.96 -11.23
C CYS B 382 30.03 -11.93 -11.20
N LEU B 383 30.29 -12.53 -10.04
CA LEU B 383 31.36 -13.52 -9.90
C LEU B 383 31.21 -14.75 -10.80
N LYS B 384 29.99 -15.27 -10.92
CA LYS B 384 29.75 -16.43 -11.79
C LYS B 384 29.96 -16.10 -13.26
N ALA B 385 29.70 -14.85 -13.64
CA ALA B 385 29.83 -14.46 -15.04
C ALA B 385 31.27 -14.06 -15.43
N GLY B 386 32.16 -14.01 -14.44
CA GLY B 386 33.58 -13.78 -14.69
C GLY B 386 34.15 -12.42 -14.36
N ALA B 387 33.51 -11.68 -13.46
CA ALA B 387 34.00 -10.39 -13.09
C ALA B 387 34.77 -10.48 -11.79
N SER B 388 35.78 -9.64 -11.65
CA SER B 388 36.31 -9.37 -10.33
C SER B 388 35.31 -8.39 -9.71
N VAL B 389 35.09 -8.53 -8.40
CA VAL B 389 34.29 -7.58 -7.68
C VAL B 389 34.99 -7.15 -6.42
N MET B 390 35.11 -5.83 -6.23
CA MET B 390 35.47 -5.25 -4.92
C MET B 390 34.25 -4.59 -4.27
N VAL B 391 34.07 -4.79 -2.97
CA VAL B 391 32.90 -4.31 -2.24
C VAL B 391 33.24 -3.15 -1.28
N HIS B 392 32.40 -2.11 -1.27
CA HIS B 392 32.54 -1.02 -0.32
C HIS B 392 31.32 -0.79 0.52
N ASP B 393 31.56 -0.50 1.79
CA ASP B 393 30.50 -0.09 2.71
C ASP B 393 31.18 0.55 3.93
N PRO B 394 30.71 1.74 4.36
CA PRO B 394 31.46 2.46 5.41
C PRO B 394 31.02 2.10 6.80
N TYR B 395 30.14 1.11 6.91
CA TYR B 395 29.55 0.74 8.20
C TYR B 395 29.80 -0.73 8.53
N VAL B 396 29.66 -1.61 7.54
CA VAL B 396 29.75 -3.04 7.75
C VAL B 396 31.21 -3.43 8.02
N VAL B 397 31.42 -4.10 9.14
CA VAL B 397 32.76 -4.30 9.68
C VAL B 397 33.37 -5.65 9.28
N ASN B 398 32.67 -6.72 9.61
CA ASN B 398 33.18 -8.06 9.33
C ASN B 398 32.04 -9.02 9.00
N TYR B 399 31.97 -9.38 7.72
CA TYR B 399 30.92 -10.24 7.18
C TYR B 399 31.51 -11.59 6.80
N PRO B 400 30.76 -12.68 7.04
CA PRO B 400 31.19 -14.07 6.84
C PRO B 400 31.63 -14.38 5.41
N GLY B 401 32.95 -14.47 5.22
CA GLY B 401 33.52 -14.93 3.95
C GLY B 401 33.33 -13.97 2.78
N VAL B 402 33.30 -12.66 3.09
CA VAL B 402 33.31 -11.61 2.06
C VAL B 402 34.00 -10.32 2.56
N GLU B 403 34.92 -9.82 1.73
CA GLU B 403 35.71 -8.62 2.02
C GLU B 403 34.99 -7.30 1.71
N ILE B 404 34.87 -6.48 2.75
CA ILE B 404 34.24 -5.20 2.65
C ILE B 404 35.40 -4.28 2.87
N SER B 405 35.60 -3.37 1.93
CA SER B 405 36.53 -2.29 2.19
C SER B 405 35.81 -1.01 2.63
N ASP B 406 36.47 -0.25 3.50
CA ASP B 406 35.99 1.06 3.91
C ASP B 406 36.60 2.11 3.03
N ASN B 407 37.56 1.72 2.20
CA ASN B 407 38.27 2.67 1.40
C ASN B 407 37.62 2.84 0.03
N LEU B 408 36.83 3.91 -0.12
CA LEU B 408 36.30 4.25 -1.44
C LEU B 408 37.53 4.61 -2.24
N GLU B 409 37.57 4.28 -3.52
CA GLU B 409 38.75 4.64 -4.30
C GLU B 409 39.56 3.39 -4.42
N GLU B 410 40.00 2.81 -3.31
CA GLU B 410 40.57 1.47 -3.44
C GLU B 410 39.51 0.66 -4.22
N VAL B 411 38.26 0.74 -3.77
CA VAL B 411 37.19 0.00 -4.39
C VAL B 411 36.85 0.44 -5.82
N VAL B 412 36.86 1.75 -6.08
CA VAL B 412 36.45 2.30 -7.38
C VAL B 412 37.55 2.37 -8.43
N ARG B 413 38.81 2.26 -7.99
CA ARG B 413 39.99 2.20 -8.89
C ARG B 413 39.85 1.12 -9.99
N ASN B 414 40.11 1.48 -11.23
CA ASN B 414 40.08 0.52 -12.34
C ASN B 414 38.70 -0.13 -12.60
N ALA B 415 37.66 0.38 -11.96
CA ALA B 415 36.34 -0.19 -12.12
C ALA B 415 35.74 0.11 -13.49
N ASP B 416 35.28 -0.94 -14.19
CA ASP B 416 34.50 -0.76 -15.42
C ASP B 416 33.06 -0.26 -15.09
N ALA B 417 32.52 -0.71 -13.96
CA ALA B 417 31.17 -0.35 -13.53
C ALA B 417 31.17 0.01 -12.05
N ILE B 418 30.39 1.05 -11.70
CA ILE B 418 30.14 1.38 -10.30
C ILE B 418 28.68 1.19 -10.04
N VAL B 419 28.37 0.32 -9.07
CA VAL B 419 27.04 -0.15 -8.81
C VAL B 419 26.60 0.19 -7.39
N VAL B 420 25.57 1.01 -7.27
CA VAL B 420 25.16 1.52 -5.99
C VAL B 420 23.99 0.69 -5.51
N LEU B 421 24.22 -0.06 -4.43
CA LEU B 421 23.23 -1.01 -3.91
C LEU B 421 22.63 -0.57 -2.59
N ALA B 422 23.30 0.35 -1.91
CA ALA B 422 22.81 0.87 -0.62
C ALA B 422 22.78 2.38 -0.65
N GLY B 423 21.69 2.94 -0.14
CA GLY B 423 21.51 4.37 -0.17
C GLY B 423 22.25 5.16 0.89
N HIS B 424 23.50 4.77 1.18
CA HIS B 424 24.38 5.46 2.15
C HIS B 424 24.61 6.93 1.84
N SER B 425 24.91 7.72 2.87
CA SER B 425 24.98 9.17 2.71
C SER B 425 26.16 9.54 1.83
N ALA B 426 27.25 8.82 2.06
CA ALA B 426 28.50 8.87 1.30
C ALA B 426 28.34 8.70 -0.22
N TYR B 427 27.33 7.95 -0.64
CA TYR B 427 27.14 7.69 -2.06
C TYR B 427 26.34 8.82 -2.69
N SER B 428 25.62 9.55 -1.83
CA SER B 428 24.84 10.73 -2.22
C SER B 428 25.77 11.92 -2.32
N SER B 429 27.02 11.73 -1.98
CA SER B 429 27.99 12.79 -2.16
C SER B 429 29.06 12.40 -3.20
N LEU B 430 28.88 11.24 -3.82
CA LEU B 430 29.75 10.78 -4.90
C LEU B 430 29.66 11.66 -6.15
N LYS B 431 30.80 12.25 -6.51
CA LYS B 431 30.80 13.20 -7.60
C LYS B 431 31.33 12.50 -8.85
N ALA B 432 30.66 12.72 -9.97
CA ALA B 432 31.10 12.23 -11.28
C ALA B 432 32.58 12.45 -11.63
N ASP B 433 33.06 13.67 -11.41
CA ASP B 433 34.48 13.98 -11.60
C ASP B 433 35.43 12.96 -10.95
N TRP B 434 35.22 12.74 -9.66
CA TRP B 434 36.12 11.94 -8.89
C TRP B 434 36.03 10.52 -9.42
N ALA B 435 34.84 10.05 -9.75
CA ALA B 435 34.64 8.64 -10.08
C ALA B 435 35.21 8.31 -11.45
N LYS B 436 35.20 9.32 -12.30
CA LYS B 436 35.69 9.26 -13.66
C LYS B 436 37.18 9.22 -13.62
N LYS B 437 37.72 9.88 -12.61
CA LYS B 437 39.14 10.01 -12.61
C LYS B 437 39.79 8.85 -11.86
N VAL B 438 39.07 8.25 -10.91
CA VAL B 438 39.63 7.14 -10.12
C VAL B 438 39.43 5.76 -10.80
N SER B 439 38.39 5.69 -11.61
CA SER B 439 38.16 4.47 -12.36
C SER B 439 38.83 4.49 -13.72
N ALA B 440 39.14 5.68 -14.23
CA ALA B 440 39.71 5.87 -15.59
C ALA B 440 38.76 5.42 -16.69
N LYS B 441 39.15 4.38 -17.37
CA LYS B 441 38.26 3.78 -18.36
C LYS B 441 38.02 4.62 -19.62
N ALA B 442 37.26 5.72 -19.50
CA ALA B 442 36.89 6.61 -20.62
C ALA B 442 35.38 6.76 -20.76
N ASN B 443 34.65 5.65 -20.61
CA ASN B 443 33.25 5.70 -20.25
C ASN B 443 32.97 4.80 -19.05
N PRO B 444 33.12 5.34 -17.83
CA PRO B 444 32.79 4.45 -16.71
C PRO B 444 31.29 4.21 -16.69
N VAL B 445 30.90 3.07 -16.16
CA VAL B 445 29.49 2.75 -16.03
C VAL B 445 29.10 2.98 -14.62
N ILE B 446 27.91 3.55 -14.42
CA ILE B 446 27.34 3.70 -13.09
C ILE B 446 25.93 3.19 -13.10
N ILE B 447 25.64 2.25 -12.19
CA ILE B 447 24.32 1.65 -12.02
C ILE B 447 23.83 2.01 -10.63
N ASP B 448 22.65 2.63 -10.56
CA ASP B 448 22.10 3.22 -9.32
C ASP B 448 20.80 2.56 -8.97
N GLY B 449 20.78 1.86 -7.84
CA GLY B 449 19.63 1.13 -7.40
C GLY B 449 18.93 1.75 -6.22
N ARG B 450 19.40 2.94 -5.80
CA ARG B 450 18.91 3.57 -4.58
C ARG B 450 18.63 5.06 -4.69
N ASN B 451 18.46 5.57 -5.91
CA ASN B 451 18.12 6.99 -6.12
C ASN B 451 19.05 8.03 -5.46
N VAL B 452 20.33 7.70 -5.39
CA VAL B 452 21.30 8.63 -4.85
C VAL B 452 22.17 9.27 -5.95
N ILE B 453 22.06 8.82 -7.21
CA ILE B 453 22.83 9.48 -8.26
C ILE B 453 22.02 10.36 -9.13
N GLU B 454 22.46 11.61 -9.18
CA GLU B 454 21.93 12.57 -10.14
C GLU B 454 22.45 12.24 -11.53
N PRO B 455 21.59 11.73 -12.44
CA PRO B 455 22.07 11.19 -13.73
C PRO B 455 22.67 12.21 -14.65
N ASP B 456 22.05 13.38 -14.77
CA ASP B 456 22.60 14.41 -15.65
C ASP B 456 24.08 14.81 -15.40
N GLU B 457 24.54 14.81 -14.13
CA GLU B 457 25.93 15.13 -13.75
C GLU B 457 26.87 14.09 -14.37
N PHE B 458 26.47 12.83 -14.27
CA PHE B 458 27.27 11.70 -14.72
C PHE B 458 27.25 11.52 -16.20
N ILE B 459 26.06 11.51 -16.82
CA ILE B 459 25.91 11.50 -18.28
C ILE B 459 26.80 12.56 -18.92
N GLY B 460 26.72 13.79 -18.43
CA GLY B 460 27.56 14.90 -18.92
C GLY B 460 29.04 14.67 -18.71
N LYS B 461 29.39 13.57 -18.07
CA LYS B 461 30.80 13.36 -17.70
C LYS B 461 31.39 12.16 -18.44
N GLY B 462 30.65 11.59 -19.38
CA GLY B 462 31.15 10.42 -20.11
C GLY B 462 30.65 9.06 -19.62
N PHE B 463 29.83 9.08 -18.56
CA PHE B 463 29.34 7.84 -17.92
C PHE B 463 28.25 7.27 -18.75
N VAL B 464 28.12 5.95 -18.65
CA VAL B 464 26.95 5.25 -19.13
C VAL B 464 26.16 4.94 -17.84
N TYR B 465 25.03 5.63 -17.72
CA TYR B 465 24.18 5.60 -16.55
C TYR B 465 23.01 4.64 -16.73
N LYS B 466 22.70 3.89 -15.68
CA LYS B 466 21.36 3.25 -15.55
C LYS B 466 20.87 3.48 -14.15
N GLY B 467 19.56 3.61 -14.01
CA GLY B 467 19.01 3.77 -12.66
C GLY B 467 17.78 2.93 -12.57
N ILE B 468 17.42 2.44 -11.38
CA ILE B 468 16.18 1.69 -11.29
C ILE B 468 15.03 2.61 -11.63
N GLY B 469 14.11 2.10 -12.43
CA GLY B 469 12.96 2.85 -12.91
C GLY B 469 13.23 4.10 -13.76
N ARG B 470 14.46 4.27 -14.25
CA ARG B 470 14.81 5.54 -14.91
C ARG B 470 14.46 5.71 -16.37
N GLU B 471 13.57 6.69 -16.59
CA GLU B 471 12.94 7.00 -17.91
C GLU B 471 13.26 5.87 -18.83
N GLY B 472 13.80 6.25 -19.96
CA GLY B 472 14.07 7.70 -20.15
C GLY B 472 15.36 8.38 -19.60
N HIS B 473 16.10 7.73 -18.70
CA HIS B 473 17.51 8.04 -18.62
C HIS B 473 18.43 7.02 -19.32
N HIS B 474 17.99 5.77 -19.37
CA HIS B 474 18.81 4.63 -19.78
C HIS B 474 19.16 4.40 -21.20
N HIS B 475 18.53 5.14 -22.09
CA HIS B 475 18.78 5.09 -23.50
C HIS B 475 19.34 6.43 -23.95
N HIS B 476 19.97 7.12 -22.99
CA HIS B 476 20.65 8.41 -23.20
C HIS B 476 21.87 8.32 -24.09
N HIS B 477 22.21 9.40 -24.78
CA HIS B 477 23.50 9.48 -25.49
C HIS B 477 24.60 9.65 -24.49
N HIS B 478 25.78 9.15 -24.80
CA HIS B 478 26.96 9.48 -24.00
C HIS B 478 27.85 10.46 -24.72
#